data_2OK5
#
_entry.id   2OK5
#
_cell.length_a   104.031
_cell.length_b   104.031
_cell.length_c   151.116
_cell.angle_alpha   90.00
_cell.angle_beta   90.00
_cell.angle_gamma   120.00
#
_symmetry.space_group_name_H-M   'P 31 2 1'
#
loop_
_entity.id
_entity.type
_entity.pdbx_description
1 polymer 'Complement factor B'
2 branched alpha-D-mannopyranose-(1-3)-[alpha-D-mannopyranose-(1-6)]alpha-D-mannopyranose-(1-6)-[alpha-D-mannopyranose-(1-3)]beta-D-mannopyranose-(1-4)-2-acetamido-2-deoxy-beta-D-glucopyranose-(1-4)-2-acetamido-2-deoxy-beta-D-glucopyranose
3 branched 2-acetamido-2-deoxy-beta-D-glucopyranose-(1-4)-2-acetamido-2-deoxy-beta-D-glucopyranose
4 non-polymer 2-acetamido-2-deoxy-beta-D-glucopyranose
5 non-polymer GLYCEROL
6 water water
#
_entity_poly.entity_id   1
_entity_poly.type   'polypeptide(L)'
_entity_poly.pdbx_seq_one_letter_code
;GSHHHHHHGSTPWSLARPQGSCSLEGVEIKGGSFRLLQEGQALEYVCPSGFYPYPVQTRTCRSTGSWSTLKTQDQKTVRK
AECRAIHCPRPHDFENGEYWPRSPYYNVSDEISFHCYDGYTLRGSANRTCQVNGRWSGQTAICDNGAGYCSNPGIPIGTR
KVGSQYRLEDSVTYHCSRGLTLRGSQRRTCQEGGSWSGTEPSCQDSFMYDTPQEVAEAFLSSLTETIEGVDAEDGHGPGE
QQKRKIVLDPSGSMNIYLVLDGSDSIGASNFTGAKKCLVNLIEKVASYGVKPRYGLVTYATYPKIWVKVSEADSSNADWV
TKQLNEINYEDHKLKSGTNTKKALQAVYSMMSWPDDVPPEGWNRTRHVIILMTDGLHNMGGDPITVIDEIRDLLYIGKDR
KNPREDYLDVYVFGVGPLVNQVNINALASKKDNEQHVFKVKDMENLEDVFYQMIDESQSLSLCGMVWEHRKGTDYHKQPW
QAKISVIRPSKGHESCMGAVVSEYFVLTAAHCFTVDDKEHSIKVSVGGEKRDLEIEVVLFHPNYNINGKKEAGIPEFYDY
DVALIKLKNKLKYGQTIRPICLPCTEGTTRALRLPPTTTCQQQKEELLPAQDIKALFVSEEEKKLTRKEVYIKNGDKKGS
CERDAQYAPGYDKVKDISEVVTPRFLCTGGVSPYADPNTCRGDSGGPLIVHKRSRFIQVGVISWGVVDVCKNQKRQKQVP
AHARDFHINLFQVLPWLKEKLQDEDLGFLAAA
;
_entity_poly.pdbx_strand_id   A
#
# COMPACT_ATOMS: atom_id res chain seq x y z
N GLN A 19 -30.75 -13.62 -0.69
CA GLN A 19 -32.14 -13.48 -0.17
C GLN A 19 -32.39 -12.11 0.49
N GLY A 20 -33.17 -12.12 1.58
CA GLY A 20 -33.68 -10.89 2.22
C GLY A 20 -32.64 -9.93 2.76
N SER A 21 -33.00 -8.65 2.82
CA SER A 21 -32.05 -7.61 3.20
C SER A 21 -32.28 -7.03 4.60
N CYS A 22 -31.24 -6.39 5.12
CA CYS A 22 -31.23 -5.89 6.48
C CYS A 22 -31.11 -4.38 6.49
N SER A 23 -31.97 -3.74 7.27
CA SER A 23 -31.95 -2.31 7.51
C SER A 23 -30.59 -1.88 8.04
N LEU A 24 -30.12 -0.72 7.59
CA LEU A 24 -28.81 -0.23 8.00
C LEU A 24 -28.89 0.68 9.21
N GLU A 25 -30.08 0.79 9.80
CA GLU A 25 -30.30 1.60 10.99
C GLU A 25 -29.48 1.02 12.13
N GLY A 26 -28.64 1.85 12.73
CA GLY A 26 -27.90 1.47 13.92
C GLY A 26 -26.56 0.78 13.74
N VAL A 27 -26.18 0.46 12.50
CA VAL A 27 -24.93 -0.26 12.24
C VAL A 27 -23.69 0.63 12.09
N GLU A 28 -23.87 1.95 12.14
CA GLU A 28 -22.73 2.86 12.03
C GLU A 28 -21.62 2.51 13.03
N ILE A 29 -20.38 2.77 12.64
CA ILE A 29 -19.23 2.54 13.50
C ILE A 29 -18.69 3.91 13.94
N LYS A 30 -18.43 4.09 15.23
CA LYS A 30 -17.93 5.38 15.71
C LYS A 30 -16.54 5.66 15.13
N GLY A 31 -16.44 6.74 14.34
CA GLY A 31 -15.18 7.17 13.77
C GLY A 31 -14.82 6.50 12.46
N GLY A 32 -15.79 5.82 11.84
CA GLY A 32 -15.55 5.05 10.63
C GLY A 32 -16.73 4.96 9.69
N SER A 33 -16.61 4.09 8.69
CA SER A 33 -17.70 3.83 7.75
C SER A 33 -17.84 2.33 7.45
N PHE A 34 -18.63 1.98 6.45
CA PHE A 34 -18.77 0.59 6.05
C PHE A 34 -19.06 0.49 4.56
N ARG A 35 -18.90 -0.72 4.04
CA ARG A 35 -19.21 -0.99 2.64
C ARG A 35 -19.98 -2.31 2.58
N LEU A 36 -20.86 -2.40 1.60
CA LEU A 36 -21.69 -3.59 1.47
C LEU A 36 -21.02 -4.60 0.55
N LEU A 37 -21.15 -5.87 0.92
CA LEU A 37 -20.57 -6.97 0.15
C LEU A 37 -21.70 -7.93 -0.18
N GLN A 38 -21.48 -8.77 -1.18
CA GLN A 38 -22.39 -9.89 -1.50
C GLN A 38 -23.87 -9.53 -1.69
N GLU A 39 -24.11 -8.44 -2.41
CA GLU A 39 -25.44 -7.86 -2.66
C GLU A 39 -26.23 -7.54 -1.38
N GLY A 40 -25.53 -6.97 -0.40
CA GLY A 40 -26.15 -6.52 0.84
C GLY A 40 -26.22 -7.55 1.94
N GLN A 41 -25.75 -8.76 1.68
CA GLN A 41 -25.78 -9.86 2.66
C GLN A 41 -24.63 -9.84 3.68
N ALA A 42 -23.56 -9.10 3.39
CA ALA A 42 -22.51 -8.86 4.36
C ALA A 42 -22.08 -7.41 4.32
N LEU A 43 -21.40 -6.96 5.36
CA LEU A 43 -20.76 -5.66 5.32
C LEU A 43 -19.35 -5.75 5.89
N GLU A 44 -18.49 -4.82 5.48
CA GLU A 44 -17.20 -4.66 6.11
C GLU A 44 -17.08 -3.24 6.63
N TYR A 45 -16.61 -3.09 7.86
CA TYR A 45 -16.29 -1.77 8.43
C TYR A 45 -14.96 -1.23 7.91
N VAL A 46 -14.86 0.10 7.78
CA VAL A 46 -13.70 0.78 7.20
C VAL A 46 -13.30 1.94 8.13
N CYS A 47 -12.04 1.95 8.57
CA CYS A 47 -11.57 2.97 9.51
C CYS A 47 -10.44 3.79 8.89
N PRO A 48 -10.21 5.02 9.39
CA PRO A 48 -9.05 5.75 8.88
C PRO A 48 -7.75 5.02 9.19
N SER A 49 -6.68 5.47 8.56
CA SER A 49 -5.32 4.94 8.75
C SER A 49 -4.91 4.97 10.24
N GLY A 50 -4.45 3.84 10.76
CA GLY A 50 -4.00 3.76 12.15
C GLY A 50 -5.06 3.34 13.15
N PHE A 51 -6.26 3.04 12.63
CA PHE A 51 -7.40 2.57 13.41
C PHE A 51 -8.00 1.32 12.73
N TYR A 52 -8.66 0.46 13.52
CA TYR A 52 -9.23 -0.81 13.03
C TYR A 52 -10.63 -1.00 13.63
N PRO A 53 -11.50 -1.79 12.96
CA PRO A 53 -12.85 -1.97 13.49
C PRO A 53 -12.93 -2.91 14.68
N TYR A 54 -13.46 -2.40 15.78
CA TYR A 54 -13.69 -3.19 17.00
C TYR A 54 -15.20 -3.34 17.21
N PRO A 55 -15.67 -4.54 17.63
CA PRO A 55 -14.94 -5.78 17.85
C PRO A 55 -14.72 -6.66 16.62
N VAL A 56 -15.41 -6.36 15.52
CA VAL A 56 -15.40 -7.22 14.33
C VAL A 56 -15.15 -6.46 13.02
N GLN A 57 -14.54 -7.15 12.06
CA GLN A 57 -14.24 -6.59 10.75
C GLN A 57 -15.51 -6.53 9.87
N THR A 58 -16.32 -7.60 9.94
CA THR A 58 -17.48 -7.77 9.10
C THR A 58 -18.75 -8.11 9.90
N ARG A 59 -19.90 -7.96 9.26
CA ARG A 59 -21.17 -8.39 9.83
C ARG A 59 -21.94 -9.08 8.72
N THR A 60 -22.81 -10.02 9.10
CA THR A 60 -23.69 -10.67 8.14
C THR A 60 -25.14 -10.32 8.44
N CYS A 61 -25.92 -10.25 7.39
CA CYS A 61 -27.34 -9.98 7.52
C CYS A 61 -28.01 -11.30 7.88
N ARG A 62 -28.77 -11.29 8.98
CA ARG A 62 -29.47 -12.47 9.46
C ARG A 62 -30.90 -12.54 8.95
N SER A 63 -31.52 -13.70 9.06
CA SER A 63 -32.86 -13.90 8.52
C SER A 63 -33.94 -13.15 9.30
N THR A 64 -33.55 -12.52 10.41
CA THR A 64 -34.43 -11.73 11.28
C THR A 64 -34.59 -10.27 10.85
N GLY A 65 -33.78 -9.82 9.89
CA GLY A 65 -33.75 -8.43 9.48
C GLY A 65 -32.66 -7.65 10.19
N SER A 66 -32.09 -8.25 11.23
CA SER A 66 -30.99 -7.63 11.98
C SER A 66 -29.63 -8.15 11.52
N TRP A 67 -28.60 -7.31 11.66
CA TRP A 67 -27.22 -7.70 11.40
C TRP A 67 -26.66 -8.51 12.56
N SER A 68 -25.67 -9.36 12.26
CA SER A 68 -25.06 -10.22 13.27
C SER A 68 -24.58 -9.39 14.44
N THR A 69 -24.67 -9.99 15.63
CA THR A 69 -24.32 -9.34 16.87
C THR A 69 -22.83 -9.00 16.95
N LEU A 70 -22.51 -7.93 17.65
CA LEU A 70 -21.14 -7.52 17.84
C LEU A 70 -20.54 -8.23 19.03
N LYS A 71 -19.60 -9.13 18.77
CA LYS A 71 -18.97 -9.92 19.82
C LYS A 71 -17.45 -9.78 19.90
N THR A 72 -16.93 -9.76 21.14
CA THR A 72 -15.51 -9.89 21.42
C THR A 72 -15.11 -11.36 21.34
N GLN A 73 -13.82 -11.61 21.57
CA GLN A 73 -13.26 -12.97 21.63
C GLN A 73 -13.98 -13.85 22.65
N ASP A 74 -13.97 -13.41 23.91
CA ASP A 74 -14.63 -14.13 25.01
C ASP A 74 -16.14 -14.25 24.80
N GLN A 75 -16.63 -13.56 23.77
CA GLN A 75 -18.05 -13.54 23.38
C GLN A 75 -18.90 -12.68 24.32
N LYS A 76 -18.35 -11.52 24.65
CA LYS A 76 -19.06 -10.49 25.38
C LYS A 76 -19.67 -9.54 24.35
N THR A 77 -20.97 -9.28 24.47
CA THR A 77 -21.66 -8.37 23.55
C THR A 77 -21.14 -6.95 23.73
N VAL A 78 -20.90 -6.30 22.59
CA VAL A 78 -20.49 -4.92 22.53
C VAL A 78 -21.70 -4.16 21.99
N ARG A 79 -22.08 -3.10 22.69
CA ARG A 79 -23.28 -2.33 22.34
C ARG A 79 -23.07 -1.56 21.04
N LYS A 80 -21.88 -0.99 20.88
CA LYS A 80 -21.58 -0.11 19.75
C LYS A 80 -20.19 -0.39 19.16
N ALA A 81 -20.15 -0.54 17.83
CA ALA A 81 -18.89 -0.71 17.10
C ALA A 81 -18.07 0.59 17.08
N GLU A 82 -16.75 0.45 17.20
CA GLU A 82 -15.84 1.60 17.23
C GLU A 82 -14.56 1.36 16.44
N CYS A 83 -14.04 2.40 15.81
CA CYS A 83 -12.69 2.38 15.24
C CYS A 83 -11.70 2.72 16.33
N ARG A 84 -10.85 1.75 16.66
CA ARG A 84 -9.92 1.85 17.77
C ARG A 84 -8.52 1.91 17.23
N ALA A 85 -7.64 2.57 17.99
CA ALA A 85 -6.25 2.70 17.64
C ALA A 85 -5.65 1.29 17.43
N ILE A 86 -4.93 1.12 16.31
CA ILE A 86 -4.17 -0.11 16.08
C ILE A 86 -3.06 -0.26 17.14
N HIS A 87 -2.84 -1.50 17.55
CA HIS A 87 -1.72 -1.88 18.40
C HIS A 87 -0.92 -2.96 17.71
N CYS A 88 0.40 -2.89 17.87
CA CYS A 88 1.29 -3.98 17.48
C CYS A 88 1.42 -4.96 18.64
N PRO A 89 1.49 -6.27 18.34
CA PRO A 89 1.52 -7.21 19.45
C PRO A 89 2.82 -7.15 20.23
N ARG A 90 2.70 -7.41 21.53
CA ARG A 90 3.82 -7.63 22.41
C ARG A 90 4.45 -9.00 22.06
N PRO A 91 5.80 -9.11 22.05
CA PRO A 91 6.44 -10.43 21.99
C PRO A 91 5.95 -11.36 23.10
N HIS A 92 5.57 -12.60 22.76
CA HIS A 92 5.24 -13.60 23.77
C HIS A 92 6.47 -14.01 24.58
N ASP A 93 7.62 -14.08 23.90
CA ASP A 93 8.88 -14.50 24.50
C ASP A 93 10.04 -14.05 23.59
N PHE A 94 11.22 -13.90 24.19
CA PHE A 94 12.45 -13.61 23.43
C PHE A 94 13.59 -14.41 24.06
N GLU A 95 14.09 -15.41 23.32
CA GLU A 95 15.09 -16.31 23.87
C GLU A 95 16.47 -15.69 23.86
N ASN A 96 17.22 -15.96 24.94
CA ASN A 96 18.65 -15.65 25.05
C ASN A 96 18.92 -14.15 25.00
N GLY A 97 17.92 -13.38 25.37
CA GLY A 97 18.03 -11.93 25.43
C GLY A 97 16.79 -11.30 26.02
N GLU A 98 16.77 -9.96 25.98
CA GLU A 98 15.71 -9.15 26.56
C GLU A 98 15.38 -8.04 25.55
N TYR A 99 14.14 -7.57 25.57
CA TYR A 99 13.74 -6.42 24.77
C TYR A 99 13.18 -5.40 25.72
N TRP A 100 13.14 -4.14 25.29
CA TRP A 100 12.55 -3.06 26.09
C TRP A 100 12.25 -1.80 25.25
N PRO A 101 11.33 -0.93 25.74
CA PRO A 101 10.45 -1.11 26.92
C PRO A 101 9.45 -2.26 26.77
N ARG A 102 9.01 -2.82 27.90
CA ARG A 102 8.02 -3.91 27.92
C ARG A 102 6.66 -3.40 28.37
N SER A 103 5.73 -3.36 27.42
CA SER A 103 4.37 -2.88 27.62
C SER A 103 3.34 -3.97 27.26
N PRO A 104 2.10 -3.85 27.80
CA PRO A 104 1.02 -4.79 27.45
C PRO A 104 0.78 -4.87 25.93
N TYR A 105 0.91 -3.73 25.26
CA TYR A 105 0.69 -3.56 23.83
C TYR A 105 1.41 -2.26 23.43
N TYR A 106 1.53 -2.03 22.13
CA TYR A 106 2.24 -0.85 21.61
C TYR A 106 1.37 -0.06 20.64
N ASN A 107 1.38 1.26 20.80
CA ASN A 107 0.74 2.18 19.86
C ASN A 107 1.57 2.39 18.60
N VAL A 108 0.91 2.79 17.51
CA VAL A 108 1.62 3.15 16.29
C VAL A 108 2.75 4.14 16.63
N SER A 109 3.95 3.81 16.14
CA SER A 109 5.17 4.61 16.27
C SER A 109 5.98 4.38 17.57
N ASP A 110 5.50 3.46 18.43
CA ASP A 110 6.29 3.01 19.57
C ASP A 110 7.50 2.18 19.08
N GLU A 111 8.60 2.33 19.80
CA GLU A 111 9.85 1.69 19.44
C GLU A 111 10.33 0.78 20.56
N ILE A 112 10.81 -0.39 20.17
CA ILE A 112 11.45 -1.29 21.10
C ILE A 112 12.81 -1.66 20.54
N SER A 113 13.65 -2.22 21.39
CA SER A 113 14.96 -2.69 20.95
C SER A 113 15.25 -4.01 21.65
N PHE A 114 16.05 -4.83 20.97
CA PHE A 114 16.33 -6.20 21.37
C PHE A 114 17.81 -6.33 21.65
N HIS A 115 18.15 -7.11 22.68
CA HIS A 115 19.52 -7.24 23.16
C HIS A 115 19.81 -8.66 23.62
N CYS A 116 20.95 -9.19 23.18
CA CYS A 116 21.29 -10.56 23.53
C CYS A 116 21.99 -10.65 24.88
N TYR A 117 21.88 -11.81 25.51
CA TYR A 117 22.69 -12.09 26.70
C TYR A 117 24.12 -12.36 26.27
N ASP A 118 25.06 -12.19 27.20
CA ASP A 118 26.47 -12.57 27.02
C ASP A 118 26.55 -13.99 26.52
N GLY A 119 27.26 -14.18 25.42
CA GLY A 119 27.47 -15.50 24.84
C GLY A 119 26.66 -15.70 23.58
N TYR A 120 25.75 -14.77 23.30
CA TYR A 120 24.84 -14.86 22.15
C TYR A 120 25.06 -13.70 21.18
N THR A 121 24.75 -13.93 19.91
CA THR A 121 24.91 -12.89 18.88
C THR A 121 23.57 -12.55 18.23
N LEU A 122 23.32 -11.26 18.03
CA LEU A 122 22.08 -10.78 17.47
C LEU A 122 22.06 -10.85 15.95
N ARG A 123 20.99 -11.39 15.38
CA ARG A 123 20.69 -11.20 13.94
C ARG A 123 19.28 -10.60 13.82
N GLY A 124 18.93 -10.09 12.65
CA GLY A 124 17.64 -9.41 12.46
C GLY A 124 17.69 -7.98 12.95
N SER A 125 16.52 -7.42 13.27
CA SER A 125 16.40 -6.00 13.62
C SER A 125 16.51 -5.74 15.12
N ALA A 126 17.59 -5.08 15.51
CA ALA A 126 17.83 -4.60 16.87
C ALA A 126 16.77 -3.61 17.36
N ASN A 127 16.39 -2.69 16.46
CA ASN A 127 15.38 -1.66 16.74
C ASN A 127 14.17 -1.88 15.87
N ARG A 128 12.98 -1.86 16.46
CA ARG A 128 11.77 -2.06 15.71
C ARG A 128 10.71 -1.05 16.12
N THR A 129 9.94 -0.61 15.13
CA THR A 129 8.92 0.42 15.27
C THR A 129 7.55 -0.16 14.90
N CYS A 130 6.56 0.15 15.73
CA CYS A 130 5.18 -0.24 15.46
C CYS A 130 4.66 0.64 14.32
N GLN A 131 4.31 -0.01 13.21
CA GLN A 131 3.83 0.65 12.00
C GLN A 131 2.31 0.83 11.98
N VAL A 132 1.87 1.67 11.05
CA VAL A 132 0.49 2.10 10.93
C VAL A 132 -0.41 0.92 10.55
N ASN A 133 0.20 -0.13 9.99
CA ASN A 133 -0.53 -1.35 9.65
C ASN A 133 -0.55 -2.45 10.73
N GLY A 134 -0.11 -2.16 11.95
CA GLY A 134 -0.09 -3.16 13.02
C GLY A 134 1.02 -4.18 12.98
N ARG A 135 2.02 -3.97 12.11
CA ARG A 135 3.20 -4.83 12.01
C ARG A 135 4.40 -4.09 12.52
N TRP A 136 5.32 -4.82 13.12
CA TRP A 136 6.63 -4.27 13.47
C TRP A 136 7.51 -4.16 12.23
N SER A 137 8.27 -3.08 12.18
CA SER A 137 9.20 -2.85 11.11
C SER A 137 10.39 -3.78 11.21
N GLY A 138 11.06 -4.01 10.07
CA GLY A 138 12.28 -4.77 10.00
C GLY A 138 12.01 -6.27 10.09
N GLN A 139 13.01 -6.99 10.58
CA GLN A 139 12.98 -8.43 10.62
C GLN A 139 13.06 -8.88 12.06
N THR A 140 12.59 -10.10 12.30
CA THR A 140 12.64 -10.75 13.57
C THR A 140 14.05 -10.78 14.15
N ALA A 141 14.19 -10.27 15.37
CA ALA A 141 15.46 -10.34 16.08
C ALA A 141 15.67 -11.74 16.66
N ILE A 142 16.89 -12.27 16.50
CA ILE A 142 17.25 -13.60 17.00
C ILE A 142 18.60 -13.58 17.74
N CYS A 143 18.62 -14.17 18.94
CA CYS A 143 19.87 -14.34 19.71
C CYS A 143 20.32 -15.80 19.69
N ASP A 144 21.51 -16.02 19.13
CA ASP A 144 21.99 -17.33 18.74
C ASP A 144 23.47 -17.46 19.14
N ASN A 145 23.84 -18.62 19.66
CA ASN A 145 25.24 -18.87 20.02
C ASN A 145 26.00 -19.77 19.03
N GLY A 146 25.37 -20.10 17.90
CA GLY A 146 26.01 -20.89 16.84
C GLY A 146 26.29 -22.34 17.19
N ALA A 147 25.74 -22.80 18.31
CA ALA A 147 26.02 -24.14 18.86
C ALA A 147 25.10 -25.27 18.35
N GLY A 148 23.96 -24.93 17.75
CA GLY A 148 23.05 -25.96 17.26
C GLY A 148 23.47 -26.51 15.91
N TYR A 149 23.00 -27.71 15.56
CA TYR A 149 23.11 -28.20 14.18
C TYR A 149 22.49 -27.17 13.21
N CYS A 150 21.32 -26.67 13.59
CA CYS A 150 20.67 -25.57 12.87
C CYS A 150 20.77 -24.29 13.71
N SER A 151 20.54 -23.16 13.05
CA SER A 151 20.42 -21.87 13.72
C SER A 151 19.17 -21.87 14.61
N ASN A 152 19.16 -21.02 15.63
CA ASN A 152 17.97 -20.73 16.40
C ASN A 152 16.97 -20.13 15.42
N PRO A 153 15.78 -20.75 15.29
CA PRO A 153 14.85 -20.30 14.24
C PRO A 153 14.15 -18.96 14.54
N GLY A 154 14.16 -18.55 15.82
CA GLY A 154 13.54 -17.29 16.24
C GLY A 154 12.08 -17.44 16.59
N ILE A 155 11.51 -16.35 17.11
CA ILE A 155 10.11 -16.27 17.46
C ILE A 155 9.57 -14.94 16.93
N PRO A 156 8.95 -14.97 15.72
CA PRO A 156 8.36 -13.75 15.16
C PRO A 156 7.38 -13.13 16.16
N ILE A 157 7.38 -11.80 16.28
CA ILE A 157 6.55 -11.15 17.31
C ILE A 157 5.08 -11.39 17.07
N GLY A 158 4.40 -11.94 18.08
CA GLY A 158 3.00 -12.29 17.94
C GLY A 158 2.81 -13.80 18.05
N THR A 159 3.86 -14.54 17.71
CA THR A 159 3.81 -16.00 17.72
C THR A 159 4.40 -16.60 19.01
N ARG A 160 4.05 -17.85 19.25
CA ARG A 160 4.60 -18.62 20.33
C ARG A 160 5.25 -19.86 19.72
N LYS A 161 6.46 -20.16 20.17
CA LYS A 161 7.23 -21.30 19.66
C LYS A 161 7.27 -22.45 20.65
N VAL A 162 7.02 -23.65 20.16
CA VAL A 162 7.20 -24.88 20.93
C VAL A 162 8.40 -25.65 20.35
N GLY A 163 9.31 -26.05 21.20
CA GLY A 163 10.52 -26.74 20.78
C GLY A 163 11.72 -25.82 20.85
N SER A 164 12.73 -26.24 21.59
CA SER A 164 13.90 -25.43 21.85
C SER A 164 15.21 -26.16 21.56
N GLN A 165 15.10 -27.36 21.01
CA GLN A 165 16.25 -28.15 20.57
C GLN A 165 16.38 -28.02 19.06
N TYR A 166 17.61 -27.74 18.60
CA TYR A 166 17.88 -27.47 17.18
C TYR A 166 18.90 -28.46 16.60
N ARG A 167 18.80 -29.71 17.03
CA ARG A 167 19.62 -30.79 16.46
C ARG A 167 19.03 -31.18 15.11
N LEU A 168 19.79 -31.90 14.30
CA LEU A 168 19.30 -32.44 13.03
C LEU A 168 18.02 -33.27 13.25
N GLU A 169 17.00 -32.95 12.45
CA GLU A 169 15.68 -33.62 12.40
C GLU A 169 14.71 -33.26 13.53
N ASP A 170 15.13 -32.36 14.42
CA ASP A 170 14.23 -31.70 15.36
C ASP A 170 13.32 -30.72 14.61
N SER A 171 12.13 -30.50 15.17
CA SER A 171 11.15 -29.54 14.68
C SER A 171 10.80 -28.52 15.74
N VAL A 172 10.33 -27.36 15.29
CA VAL A 172 9.69 -26.38 16.17
C VAL A 172 8.30 -26.07 15.62
N THR A 173 7.35 -25.83 16.51
CA THR A 173 6.01 -25.47 16.06
C THR A 173 5.63 -24.07 16.53
N TYR A 174 4.76 -23.41 15.79
CA TYR A 174 4.34 -22.05 16.13
C TYR A 174 2.84 -21.91 16.24
N HIS A 175 2.40 -21.02 17.12
CA HIS A 175 1.02 -20.86 17.50
C HIS A 175 0.67 -19.39 17.63
N CYS A 176 -0.49 -19.00 17.11
CA CYS A 176 -1.00 -17.64 17.25
C CYS A 176 -1.99 -17.55 18.41
N SER A 177 -2.32 -16.33 18.84
CA SER A 177 -3.37 -16.11 19.85
C SER A 177 -4.74 -16.27 19.23
N ARG A 178 -5.69 -16.64 20.07
CA ARG A 178 -7.11 -16.69 19.76
C ARG A 178 -7.53 -15.46 18.94
N GLY A 179 -8.22 -15.70 17.84
CA GLY A 179 -8.67 -14.63 16.97
C GLY A 179 -7.79 -14.40 15.75
N LEU A 180 -6.48 -14.63 15.92
CA LEU A 180 -5.51 -14.44 14.85
C LEU A 180 -5.27 -15.75 14.07
N THR A 181 -4.74 -15.62 12.85
CA THR A 181 -4.47 -16.77 12.01
C THR A 181 -3.00 -16.77 11.60
N LEU A 182 -2.37 -17.94 11.67
CA LEU A 182 -0.99 -18.10 11.27
C LEU A 182 -0.86 -18.11 9.76
N ARG A 183 0.08 -17.30 9.28
CA ARG A 183 0.52 -17.29 7.89
C ARG A 183 1.96 -17.84 7.87
N GLY A 184 2.29 -18.66 6.87
CA GLY A 184 3.59 -19.34 6.84
C GLY A 184 3.53 -20.72 7.47
N SER A 185 4.69 -21.23 7.89
CA SER A 185 4.80 -22.60 8.38
C SER A 185 4.39 -22.72 9.84
N GLN A 186 3.45 -23.63 10.13
CA GLN A 186 3.17 -23.94 11.54
C GLN A 186 4.26 -24.83 12.15
N ARG A 187 4.92 -25.63 11.30
CA ARG A 187 6.04 -26.44 11.72
C ARG A 187 7.22 -26.22 10.81
N ARG A 188 8.39 -26.10 11.42
CA ARG A 188 9.65 -26.07 10.70
C ARG A 188 10.57 -27.15 11.24
N THR A 189 11.30 -27.79 10.33
CA THR A 189 12.14 -28.92 10.68
C THR A 189 13.60 -28.66 10.32
N CYS A 190 14.51 -29.01 11.23
CA CYS A 190 15.96 -28.84 11.01
C CYS A 190 16.51 -29.88 10.04
N GLN A 191 16.99 -29.38 8.91
CA GLN A 191 17.41 -30.20 7.79
C GLN A 191 18.93 -30.33 7.68
N GLU A 192 19.39 -31.43 7.11
CA GLU A 192 20.81 -31.64 6.81
C GLU A 192 21.35 -30.40 6.11
N GLY A 193 22.52 -29.93 6.54
CA GLY A 193 23.09 -28.70 5.99
C GLY A 193 22.89 -27.47 6.84
N GLY A 194 21.95 -27.54 7.79
CA GLY A 194 21.80 -26.47 8.78
C GLY A 194 20.68 -25.46 8.55
N SER A 195 19.79 -25.72 7.60
CA SER A 195 18.65 -24.82 7.38
C SER A 195 17.29 -25.42 7.83
N TRP A 196 16.32 -24.53 8.07
CA TRP A 196 14.95 -24.92 8.46
C TRP A 196 14.02 -25.04 7.25
N SER A 197 13.18 -26.06 7.28
CA SER A 197 12.18 -26.24 6.22
C SER A 197 11.12 -25.15 6.34
N GLY A 198 10.27 -25.02 5.33
CA GLY A 198 9.17 -24.07 5.38
C GLY A 198 9.61 -22.62 5.41
N THR A 199 8.75 -21.73 5.91
CA THR A 199 8.99 -20.29 5.90
C THR A 199 8.62 -19.68 7.24
N GLU A 200 9.21 -18.52 7.58
CA GLU A 200 8.96 -17.88 8.87
C GLU A 200 7.46 -17.53 8.97
N PRO A 201 6.80 -17.92 10.08
CA PRO A 201 5.38 -17.60 10.27
C PRO A 201 5.10 -16.15 10.69
N SER A 202 3.85 -15.73 10.60
CA SER A 202 3.39 -14.49 11.22
C SER A 202 1.93 -14.63 11.58
N CYS A 203 1.46 -13.80 12.50
CA CYS A 203 0.08 -13.84 12.98
C CYS A 203 -0.73 -12.73 12.34
N GLN A 204 -1.82 -13.09 11.70
CA GLN A 204 -2.64 -12.12 10.99
C GLN A 204 -3.90 -11.82 11.78
N ASP A 205 -4.09 -10.55 12.11
CA ASP A 205 -5.34 -10.09 12.68
C ASP A 205 -6.34 -9.83 11.56
N SER A 206 -7.61 -9.77 11.93
CA SER A 206 -8.73 -9.58 11.01
C SER A 206 -8.70 -8.29 10.16
N PHE A 207 -8.04 -7.25 10.65
CA PHE A 207 -7.99 -5.96 9.93
C PHE A 207 -6.84 -5.87 8.93
N MET A 208 -5.90 -6.82 9.01
CA MET A 208 -4.65 -6.72 8.28
C MET A 208 -4.79 -7.05 6.80
N TYR A 209 -4.29 -6.15 5.96
CA TYR A 209 -4.13 -6.41 4.54
C TYR A 209 -2.72 -6.07 4.12
N ASP A 210 -2.31 -6.67 3.01
CA ASP A 210 -1.05 -6.34 2.34
C ASP A 210 -1.33 -5.23 1.31
N THR A 211 -0.54 -4.16 1.33
CA THR A 211 -0.66 -3.10 0.31
C THR A 211 -0.18 -3.64 -1.04
N PRO A 212 -0.77 -3.15 -2.15
CA PRO A 212 -0.35 -3.59 -3.50
C PRO A 212 1.16 -3.40 -3.78
N GLN A 213 1.74 -2.35 -3.20
CA GLN A 213 3.17 -2.07 -3.35
C GLN A 213 4.02 -3.12 -2.64
N GLU A 214 3.57 -3.55 -1.46
CA GLU A 214 4.19 -4.67 -0.74
C GLU A 214 4.07 -5.96 -1.50
N VAL A 215 2.87 -6.23 -2.03
CA VAL A 215 2.63 -7.46 -2.77
C VAL A 215 3.48 -7.50 -4.06
N ALA A 216 3.54 -6.37 -4.77
CA ALA A 216 4.31 -6.28 -6.00
C ALA A 216 5.83 -6.56 -5.78
N GLU A 217 6.41 -6.03 -4.70
CA GLU A 217 7.81 -6.35 -4.35
C GLU A 217 8.00 -7.80 -3.85
N ALA A 218 7.09 -8.28 -3.00
CA ALA A 218 7.17 -9.66 -2.49
C ALA A 218 7.00 -10.74 -3.56
N PHE A 219 6.10 -10.52 -4.52
CA PHE A 219 5.85 -11.49 -5.58
C PHE A 219 7.01 -11.51 -6.58
N LEU A 220 7.43 -10.32 -7.02
CA LEU A 220 8.52 -10.22 -7.98
C LEU A 220 9.83 -10.76 -7.48
N SER A 221 10.13 -10.50 -6.21
CA SER A 221 11.38 -10.96 -5.64
C SER A 221 11.34 -12.44 -5.27
N SER A 222 10.14 -13.01 -5.29
CA SER A 222 9.94 -14.45 -5.17
C SER A 222 10.10 -15.10 -6.53
N LEU A 223 9.41 -14.57 -7.52
CA LEU A 223 9.36 -15.16 -8.85
C LEU A 223 10.71 -15.07 -9.58
N THR A 224 11.39 -13.95 -9.40
CA THR A 224 12.57 -13.61 -10.16
C THR A 224 13.87 -13.63 -9.32
N GLU A 225 15.00 -13.55 -10.02
CA GLU A 225 16.30 -13.20 -9.46
C GLU A 225 16.66 -11.79 -9.92
N THR A 226 17.45 -11.10 -9.12
CA THR A 226 17.89 -9.75 -9.44
C THR A 226 19.21 -9.77 -10.26
N ILE A 227 19.29 -8.92 -11.27
CA ILE A 227 20.54 -8.67 -12.03
C ILE A 227 21.19 -7.38 -11.52
N LYS A 243 17.96 -4.53 -12.82
CA LYS A 243 16.94 -5.31 -13.52
C LYS A 243 16.74 -6.68 -12.86
N ARG A 244 15.73 -7.42 -13.34
CA ARG A 244 15.40 -8.75 -12.83
C ARG A 244 15.43 -9.78 -13.95
N LYS A 245 15.45 -11.06 -13.58
CA LYS A 245 15.40 -12.15 -14.57
C LYS A 245 14.70 -13.40 -14.02
N ILE A 246 14.11 -14.19 -14.92
CA ILE A 246 13.63 -15.52 -14.57
C ILE A 246 14.63 -16.54 -15.13
N VAL A 247 15.26 -17.33 -14.25
CA VAL A 247 16.21 -18.36 -14.72
C VAL A 247 15.57 -19.73 -14.77
N LEU A 248 15.76 -20.38 -15.90
CA LEU A 248 15.26 -21.71 -16.11
C LEU A 248 16.48 -22.61 -16.27
N ASP A 249 16.24 -23.91 -16.44
CA ASP A 249 17.34 -24.84 -16.72
C ASP A 249 17.89 -24.50 -18.09
N PRO A 250 19.17 -24.86 -18.35
CA PRO A 250 19.57 -24.89 -19.74
C PRO A 250 18.67 -25.90 -20.46
N SER A 251 18.13 -25.49 -21.61
CA SER A 251 17.15 -26.29 -22.36
C SER A 251 15.90 -26.49 -21.51
N GLY A 252 15.60 -25.48 -20.69
CA GLY A 252 14.58 -25.58 -19.66
C GLY A 252 13.29 -24.82 -19.95
N SER A 253 12.20 -25.35 -19.40
CA SER A 253 10.86 -24.90 -19.70
C SER A 253 10.20 -24.29 -18.45
N MET A 254 9.13 -23.54 -18.65
CA MET A 254 8.27 -23.10 -17.54
C MET A 254 6.79 -23.11 -17.94
N ASN A 255 5.95 -23.68 -17.07
CA ASN A 255 4.49 -23.68 -17.19
C ASN A 255 3.86 -22.81 -16.11
N ILE A 256 2.94 -21.94 -16.50
CA ILE A 256 2.19 -21.08 -15.58
C ILE A 256 0.69 -21.36 -15.67
N TYR A 257 0.10 -21.72 -14.54
CA TYR A 257 -1.30 -22.07 -14.43
C TYR A 257 -2.05 -20.94 -13.72
N LEU A 258 -2.94 -20.30 -14.46
CA LEU A 258 -3.75 -19.19 -13.94
C LEU A 258 -5.12 -19.73 -13.59
N VAL A 259 -5.40 -19.84 -12.30
CA VAL A 259 -6.61 -20.43 -11.76
C VAL A 259 -7.48 -19.37 -11.04
N LEU A 260 -8.70 -19.16 -11.55
CA LEU A 260 -9.60 -18.14 -11.02
C LEU A 260 -10.84 -18.77 -10.36
N ASP A 261 -10.95 -18.57 -9.05
CA ASP A 261 -12.13 -18.93 -8.31
C ASP A 261 -13.20 -17.87 -8.55
N GLY A 262 -14.18 -18.22 -9.39
CA GLY A 262 -15.23 -17.31 -9.78
C GLY A 262 -16.53 -17.52 -9.04
N SER A 263 -16.49 -18.30 -7.97
CA SER A 263 -17.67 -18.64 -7.18
C SER A 263 -18.36 -17.47 -6.48
N ASP A 264 -17.65 -16.37 -6.26
CA ASP A 264 -18.24 -15.23 -5.54
C ASP A 264 -18.24 -13.96 -6.40
N SER A 265 -17.34 -13.01 -6.12
CA SER A 265 -17.32 -11.72 -6.82
C SER A 265 -16.23 -11.61 -7.89
N ILE A 266 -15.26 -12.54 -7.91
CA ILE A 266 -14.17 -12.47 -8.90
C ILE A 266 -14.68 -12.69 -10.33
N GLY A 267 -15.79 -13.42 -10.46
CA GLY A 267 -16.45 -13.60 -11.75
C GLY A 267 -17.28 -12.41 -12.21
N ALA A 268 -17.46 -11.40 -11.36
CA ALA A 268 -18.27 -10.22 -11.68
C ALA A 268 -17.84 -9.54 -12.99
N SER A 269 -18.84 -9.14 -13.77
CA SER A 269 -18.66 -8.56 -15.12
C SER A 269 -17.74 -9.41 -16.01
N ASN A 270 -18.04 -10.71 -16.12
CA ASN A 270 -17.22 -11.64 -16.89
C ASN A 270 -15.72 -11.54 -16.58
N PHE A 271 -15.39 -11.64 -15.29
CA PHE A 271 -14.00 -11.57 -14.79
C PHE A 271 -13.23 -10.32 -15.24
N THR A 272 -13.89 -9.18 -15.39
CA THR A 272 -13.26 -7.94 -15.89
C THR A 272 -12.02 -7.56 -15.08
N GLY A 273 -12.13 -7.54 -13.76
CA GLY A 273 -11.03 -7.20 -12.89
C GLY A 273 -9.85 -8.15 -13.05
N ALA A 274 -10.14 -9.44 -12.92
CA ALA A 274 -9.14 -10.50 -13.02
C ALA A 274 -8.41 -10.52 -14.37
N LYS A 275 -9.14 -10.23 -15.44
CA LYS A 275 -8.55 -10.12 -16.78
C LYS A 275 -7.52 -9.00 -16.87
N LYS A 276 -7.81 -7.86 -16.25
CA LYS A 276 -6.85 -6.75 -16.17
C LYS A 276 -5.57 -7.18 -15.48
N CYS A 277 -5.71 -7.83 -14.33
CA CYS A 277 -4.60 -8.36 -13.57
C CYS A 277 -3.75 -9.27 -14.45
N LEU A 278 -4.38 -10.33 -14.95
CA LEU A 278 -3.68 -11.34 -15.74
C LEU A 278 -3.07 -10.83 -17.06
N VAL A 279 -3.75 -9.95 -17.79
CA VAL A 279 -3.13 -9.28 -18.96
C VAL A 279 -1.80 -8.64 -18.53
N ASN A 280 -1.82 -7.91 -17.43
CA ASN A 280 -0.63 -7.26 -16.93
C ASN A 280 0.47 -8.23 -16.44
N LEU A 281 0.05 -9.37 -15.88
CA LEU A 281 0.99 -10.37 -15.42
C LEU A 281 1.75 -10.99 -16.60
N ILE A 282 0.99 -11.47 -17.58
CA ILE A 282 1.53 -12.02 -18.83
C ILE A 282 2.51 -11.05 -19.49
N GLU A 283 2.17 -9.76 -19.52
CA GLU A 283 3.01 -8.72 -20.12
C GLU A 283 4.32 -8.54 -19.35
N LYS A 284 4.23 -8.61 -18.02
CA LYS A 284 5.39 -8.51 -17.15
C LYS A 284 6.32 -9.72 -17.32
N VAL A 285 5.74 -10.92 -17.32
CA VAL A 285 6.52 -12.14 -17.49
C VAL A 285 7.28 -12.16 -18.83
N ALA A 286 6.63 -11.63 -19.88
CA ALA A 286 7.19 -11.55 -21.21
C ALA A 286 8.38 -10.59 -21.28
N SER A 287 8.37 -9.57 -20.42
CA SER A 287 9.49 -8.62 -20.33
C SER A 287 10.83 -9.30 -19.97
N TYR A 288 10.74 -10.48 -19.37
CA TYR A 288 11.93 -11.22 -18.94
C TYR A 288 12.52 -12.14 -20.02
N GLY A 289 11.95 -12.08 -21.22
CA GLY A 289 12.47 -12.79 -22.38
C GLY A 289 12.16 -14.28 -22.41
N VAL A 290 11.43 -14.75 -21.40
CA VAL A 290 11.06 -16.17 -21.32
C VAL A 290 9.72 -16.41 -22.00
N LYS A 291 9.54 -17.62 -22.52
CA LYS A 291 8.31 -17.97 -23.22
C LYS A 291 7.59 -19.13 -22.53
N PRO A 292 6.92 -18.86 -21.39
CA PRO A 292 6.25 -19.93 -20.69
C PRO A 292 4.98 -20.41 -21.41
N ARG A 293 4.63 -21.67 -21.17
CA ARG A 293 3.35 -22.21 -21.61
C ARG A 293 2.30 -21.88 -20.55
N TYR A 294 1.13 -21.43 -20.99
CA TYR A 294 0.06 -21.07 -20.08
C TYR A 294 -1.10 -22.05 -20.07
N GLY A 295 -1.61 -22.26 -18.87
CA GLY A 295 -2.91 -22.88 -18.67
C GLY A 295 -3.82 -21.82 -18.08
N LEU A 296 -5.09 -21.87 -18.42
CA LEU A 296 -6.07 -20.98 -17.81
C LEU A 296 -7.30 -21.80 -17.40
N VAL A 297 -7.62 -21.76 -16.10
CA VAL A 297 -8.78 -22.46 -15.54
C VAL A 297 -9.59 -21.50 -14.66
N THR A 298 -10.89 -21.42 -14.92
CA THR A 298 -11.82 -20.77 -13.99
C THR A 298 -12.66 -21.88 -13.35
N TYR A 299 -13.18 -21.64 -12.15
CA TYR A 299 -13.98 -22.67 -11.48
C TYR A 299 -14.95 -22.13 -10.44
N ALA A 300 -15.96 -22.95 -10.16
CA ALA A 300 -16.81 -22.78 -8.99
C ALA A 300 -17.16 -24.20 -8.53
N THR A 301 -18.39 -24.64 -8.75
CA THR A 301 -18.81 -26.01 -8.46
C THR A 301 -18.02 -27.01 -9.31
N TYR A 302 -17.80 -26.64 -10.58
CA TYR A 302 -16.99 -27.42 -11.52
C TYR A 302 -15.95 -26.52 -12.19
N PRO A 303 -14.84 -27.11 -12.69
CA PRO A 303 -13.83 -26.33 -13.40
C PRO A 303 -14.07 -26.18 -14.92
N LYS A 304 -13.60 -25.06 -15.46
CA LYS A 304 -13.58 -24.85 -16.90
C LYS A 304 -12.13 -24.60 -17.34
N ILE A 305 -11.65 -25.42 -18.27
CA ILE A 305 -10.34 -25.20 -18.85
C ILE A 305 -10.50 -24.37 -20.13
N TRP A 306 -9.97 -23.15 -20.12
CA TRP A 306 -10.01 -22.28 -21.28
C TRP A 306 -8.77 -22.44 -22.15
N VAL A 307 -7.61 -22.62 -21.52
CA VAL A 307 -6.35 -22.81 -22.23
C VAL A 307 -5.59 -23.94 -21.55
N LYS A 308 -5.04 -24.84 -22.34
CA LYS A 308 -4.37 -26.04 -21.87
C LYS A 308 -2.87 -25.93 -22.20
N VAL A 309 -1.99 -26.25 -21.24
CA VAL A 309 -0.53 -26.02 -21.44
C VAL A 309 0.09 -26.78 -22.62
N SER A 310 -0.54 -27.89 -23.00
CA SER A 310 -0.01 -28.77 -24.03
C SER A 310 -0.32 -28.26 -25.46
N GLU A 311 -1.16 -27.21 -25.53
CA GLU A 311 -1.54 -26.59 -26.79
C GLU A 311 -0.36 -25.98 -27.53
N ALA A 312 -0.40 -26.11 -28.85
CA ALA A 312 0.61 -25.56 -29.75
C ALA A 312 0.82 -24.05 -29.56
N ASP A 313 -0.25 -23.34 -29.21
CA ASP A 313 -0.19 -21.89 -29.07
C ASP A 313 -0.07 -21.35 -27.63
N SER A 314 -0.03 -22.25 -26.65
CA SER A 314 -0.05 -21.83 -25.23
C SER A 314 1.18 -21.03 -24.78
N SER A 315 2.23 -21.00 -25.60
CA SER A 315 3.43 -20.21 -25.28
C SER A 315 3.44 -18.87 -26.04
N ASN A 316 2.38 -18.62 -26.80
CA ASN A 316 2.20 -17.34 -27.49
C ASN A 316 1.46 -16.40 -26.56
N ALA A 317 2.21 -15.48 -25.95
CA ALA A 317 1.71 -14.53 -24.96
C ALA A 317 0.52 -13.70 -25.46
N ASP A 318 0.59 -13.28 -26.72
CA ASP A 318 -0.41 -12.44 -27.36
C ASP A 318 -1.69 -13.24 -27.69
N TRP A 319 -1.53 -14.47 -28.15
CA TRP A 319 -2.64 -15.42 -28.35
C TRP A 319 -3.31 -15.76 -27.04
N VAL A 320 -2.52 -16.04 -25.99
CA VAL A 320 -3.07 -16.37 -24.67
C VAL A 320 -3.85 -15.17 -24.09
N THR A 321 -3.31 -13.98 -24.28
CA THR A 321 -3.94 -12.73 -23.86
C THR A 321 -5.32 -12.52 -24.52
N LYS A 322 -5.40 -12.79 -25.82
CA LYS A 322 -6.68 -12.73 -26.52
C LYS A 322 -7.69 -13.78 -26.00
N GLN A 323 -7.20 -14.98 -25.68
CA GLN A 323 -8.07 -16.05 -25.19
C GLN A 323 -8.64 -15.69 -23.83
N LEU A 324 -7.77 -15.21 -22.94
CA LEU A 324 -8.13 -14.76 -21.60
C LEU A 324 -9.18 -13.65 -21.61
N ASN A 325 -8.99 -12.66 -22.48
CA ASN A 325 -9.90 -11.51 -22.60
C ASN A 325 -11.30 -11.91 -23.05
N GLU A 326 -11.41 -13.13 -23.57
CA GLU A 326 -12.65 -13.65 -24.13
C GLU A 326 -13.46 -14.50 -23.14
N ILE A 327 -12.82 -14.90 -22.04
CA ILE A 327 -13.48 -15.78 -21.05
C ILE A 327 -14.71 -15.13 -20.41
N ASN A 328 -15.65 -15.94 -19.93
CA ASN A 328 -16.90 -15.44 -19.35
C ASN A 328 -17.46 -16.27 -18.20
N TYR A 329 -18.44 -15.70 -17.50
CA TYR A 329 -19.10 -16.34 -16.37
C TYR A 329 -20.60 -16.25 -16.66
N GLU A 330 -21.34 -17.35 -16.52
CA GLU A 330 -20.89 -18.63 -16.02
C GLU A 330 -20.98 -19.71 -17.13
N GLY A 337 -20.99 -22.85 -5.09
CA GLY A 337 -19.99 -23.58 -4.29
C GLY A 337 -18.57 -23.45 -4.82
N THR A 338 -17.60 -23.76 -3.96
CA THR A 338 -16.17 -23.63 -4.32
C THR A 338 -15.46 -24.98 -4.30
N ASN A 339 -15.34 -25.62 -5.46
CA ASN A 339 -14.63 -26.89 -5.54
C ASN A 339 -13.18 -26.74 -6.01
N THR A 340 -12.31 -26.41 -5.08
CA THR A 340 -10.91 -26.14 -5.37
C THR A 340 -10.17 -27.41 -5.77
N LYS A 341 -10.47 -28.52 -5.08
CA LYS A 341 -9.88 -29.79 -5.38
C LYS A 341 -10.02 -30.09 -6.88
N LYS A 342 -11.23 -29.94 -7.40
CA LYS A 342 -11.47 -30.18 -8.83
C LYS A 342 -10.70 -29.23 -9.73
N ALA A 343 -10.55 -27.98 -9.30
CA ALA A 343 -9.81 -27.00 -10.09
C ALA A 343 -8.37 -27.43 -10.23
N LEU A 344 -7.80 -27.94 -9.13
CA LEU A 344 -6.41 -28.36 -9.12
C LEU A 344 -6.22 -29.71 -9.83
N GLN A 345 -7.26 -30.53 -9.85
CA GLN A 345 -7.30 -31.76 -10.65
C GLN A 345 -7.30 -31.49 -12.17
N ALA A 346 -7.89 -30.36 -12.58
CA ALA A 346 -7.77 -29.87 -13.96
C ALA A 346 -6.32 -29.49 -14.25
N VAL A 347 -5.64 -28.90 -13.26
CA VAL A 347 -4.23 -28.55 -13.34
C VAL A 347 -3.33 -29.80 -13.40
N TYR A 348 -3.55 -30.74 -12.49
CA TYR A 348 -2.85 -32.02 -12.53
C TYR A 348 -2.95 -32.68 -13.90
N SER A 349 -4.14 -32.66 -14.52
CA SER A 349 -4.39 -33.38 -15.78
C SER A 349 -3.66 -32.75 -16.95
N MET A 350 -3.42 -31.44 -16.85
CA MET A 350 -2.61 -30.70 -17.80
C MET A 350 -1.14 -31.07 -17.68
N MET A 351 -0.73 -31.40 -16.45
CA MET A 351 0.67 -31.71 -16.13
C MET A 351 1.05 -33.14 -16.50
N SER A 352 0.17 -34.08 -16.19
CA SER A 352 0.46 -35.51 -16.17
C SER A 352 0.83 -36.10 -17.54
N TRP A 353 1.27 -37.36 -17.54
CA TRP A 353 1.77 -38.03 -18.74
C TRP A 353 1.57 -39.54 -18.72
N VAL A 357 7.67 -44.10 -20.08
CA VAL A 357 6.37 -43.60 -19.63
C VAL A 357 6.32 -42.05 -19.65
N PRO A 358 7.31 -41.37 -19.01
CA PRO A 358 7.35 -39.90 -19.01
C PRO A 358 8.15 -39.29 -20.17
N PRO A 359 7.76 -38.08 -20.62
CA PRO A 359 8.40 -37.44 -21.76
C PRO A 359 9.79 -36.87 -21.46
N GLU A 360 10.59 -36.67 -22.52
CA GLU A 360 11.89 -36.00 -22.40
C GLU A 360 11.73 -34.58 -21.87
N GLY A 361 12.55 -34.23 -20.89
CA GLY A 361 12.53 -32.88 -20.33
C GLY A 361 11.37 -32.62 -19.39
N TRP A 362 10.82 -33.68 -18.82
CA TRP A 362 9.76 -33.55 -17.82
C TRP A 362 10.33 -32.93 -16.55
N ASN A 363 11.57 -33.29 -16.24
CA ASN A 363 12.24 -32.82 -15.04
C ASN A 363 13.00 -31.51 -15.23
N ARG A 364 12.82 -30.88 -16.39
CA ARG A 364 13.45 -29.60 -16.71
C ARG A 364 12.45 -28.43 -16.59
N THR A 365 11.17 -28.75 -16.47
CA THR A 365 10.11 -27.76 -16.42
C THR A 365 9.83 -27.31 -14.99
N ARG A 366 9.84 -26.00 -14.76
CA ARG A 366 9.32 -25.49 -13.49
C ARG A 366 7.87 -25.07 -13.65
N HIS A 367 7.10 -25.32 -12.60
CA HIS A 367 5.67 -25.07 -12.63
C HIS A 367 5.29 -24.01 -11.61
N VAL A 368 4.56 -23.00 -12.08
CA VAL A 368 4.03 -21.94 -11.21
C VAL A 368 2.50 -21.95 -11.25
N ILE A 369 1.88 -22.21 -10.10
CA ILE A 369 0.42 -22.06 -9.95
C ILE A 369 0.10 -20.71 -9.31
N ILE A 370 -0.82 -19.98 -9.93
CA ILE A 370 -1.30 -18.72 -9.40
C ILE A 370 -2.80 -18.84 -9.18
N LEU A 371 -3.23 -18.74 -7.93
CA LEU A 371 -4.64 -18.82 -7.58
C LEU A 371 -5.16 -17.48 -7.06
N MET A 372 -6.27 -17.00 -7.64
CA MET A 372 -6.92 -15.77 -7.18
C MET A 372 -8.29 -16.12 -6.61
N THR A 373 -8.58 -15.62 -5.40
CA THR A 373 -9.79 -16.02 -4.68
C THR A 373 -10.26 -14.97 -3.67
N ASP A 374 -11.57 -14.85 -3.51
CA ASP A 374 -12.14 -13.99 -2.47
C ASP A 374 -12.90 -14.79 -1.41
N GLY A 375 -12.68 -16.10 -1.38
CA GLY A 375 -13.37 -16.97 -0.43
C GLY A 375 -12.55 -18.20 -0.10
N LEU A 376 -12.49 -19.14 -1.04
CA LEU A 376 -11.81 -20.43 -0.84
C LEU A 376 -12.34 -21.21 0.37
N HIS A 377 -13.65 -21.16 0.55
CA HIS A 377 -14.32 -22.05 1.48
C HIS A 377 -14.66 -23.34 0.72
N ASN A 378 -13.76 -24.31 0.81
CA ASN A 378 -13.75 -25.47 -0.07
C ASN A 378 -14.90 -26.46 0.18
N MET A 379 -15.50 -26.91 -0.92
CA MET A 379 -16.44 -28.02 -0.91
C MET A 379 -15.86 -29.16 -1.74
N GLY A 380 -16.24 -30.39 -1.41
CA GLY A 380 -15.83 -31.56 -2.18
C GLY A 380 -14.44 -32.10 -1.89
N GLY A 381 -13.91 -31.78 -0.71
CA GLY A 381 -12.64 -32.34 -0.27
C GLY A 381 -11.49 -31.36 -0.20
N ASP A 382 -10.49 -31.73 0.61
CA ASP A 382 -9.31 -30.91 0.87
C ASP A 382 -8.37 -30.92 -0.34
N PRO A 383 -8.23 -29.75 -1.00
CA PRO A 383 -7.42 -29.62 -2.23
C PRO A 383 -5.93 -29.87 -2.02
N ILE A 384 -5.52 -29.98 -0.76
CA ILE A 384 -4.11 -30.13 -0.40
C ILE A 384 -3.54 -31.44 -0.96
N THR A 385 -4.38 -32.48 -0.99
CA THR A 385 -4.02 -33.81 -1.47
C THR A 385 -3.65 -33.80 -2.95
N VAL A 386 -4.22 -32.85 -3.69
CA VAL A 386 -3.90 -32.69 -5.11
C VAL A 386 -2.50 -32.09 -5.27
N ILE A 387 -2.17 -31.11 -4.43
CA ILE A 387 -0.81 -30.57 -4.40
C ILE A 387 0.16 -31.70 -4.09
N ASP A 388 -0.21 -32.60 -3.18
CA ASP A 388 0.61 -33.77 -2.85
C ASP A 388 0.82 -34.69 -4.07
N GLU A 389 -0.27 -34.98 -4.78
CA GLU A 389 -0.22 -35.71 -6.03
C GLU A 389 0.69 -35.04 -7.05
N ILE A 390 0.68 -33.70 -7.10
CA ILE A 390 1.53 -32.94 -8.03
C ILE A 390 3.02 -33.11 -7.70
N ARG A 391 3.35 -33.08 -6.41
CA ARG A 391 4.72 -33.25 -5.94
C ARG A 391 5.24 -34.68 -6.10
N ASP A 392 4.33 -35.64 -6.18
CA ASP A 392 4.67 -37.02 -6.55
C ASP A 392 5.09 -37.09 -8.01
N LEU A 393 4.21 -36.54 -8.85
CA LEU A 393 4.40 -36.42 -10.29
C LEU A 393 5.73 -35.75 -10.68
N LEU A 394 6.00 -34.59 -10.10
CA LEU A 394 7.21 -33.82 -10.42
C LEU A 394 8.47 -34.28 -9.65
N TYR A 395 8.32 -35.34 -8.85
CA TYR A 395 9.40 -35.90 -8.03
C TYR A 395 9.99 -34.82 -7.08
N ILE A 396 9.12 -34.21 -6.30
CA ILE A 396 9.51 -33.15 -5.38
C ILE A 396 9.40 -33.68 -3.95
N GLY A 397 10.43 -33.42 -3.17
CA GLY A 397 10.50 -33.90 -1.79
C GLY A 397 10.75 -35.40 -1.66
N LYS A 398 11.17 -36.03 -2.76
CA LYS A 398 11.34 -37.49 -2.79
C LYS A 398 12.79 -37.96 -2.62
N ASP A 399 13.73 -37.02 -2.70
CA ASP A 399 15.16 -37.32 -2.60
C ASP A 399 15.88 -36.24 -1.80
N ARG A 400 16.50 -36.62 -0.69
CA ARG A 400 17.15 -35.65 0.20
C ARG A 400 18.35 -34.95 -0.45
N LYS A 401 18.94 -35.59 -1.44
CA LYS A 401 20.10 -35.03 -2.15
C LYS A 401 19.67 -34.19 -3.38
N ASN A 402 18.38 -34.18 -3.68
CA ASN A 402 17.79 -33.45 -4.83
C ASN A 402 16.29 -33.18 -4.61
N PRO A 403 15.96 -32.31 -3.64
CA PRO A 403 14.57 -32.10 -3.22
C PRO A 403 13.66 -31.47 -4.28
N ARG A 404 14.26 -30.77 -5.24
CA ARG A 404 13.55 -30.23 -6.42
C ARG A 404 12.39 -29.27 -6.07
N GLU A 405 12.58 -28.48 -5.01
CA GLU A 405 11.56 -27.53 -4.59
C GLU A 405 11.48 -26.34 -5.57
N ASP A 406 12.59 -26.07 -6.27
CA ASP A 406 12.65 -25.03 -7.30
C ASP A 406 11.66 -25.24 -8.44
N TYR A 407 11.17 -26.46 -8.60
CA TYR A 407 10.37 -26.82 -9.76
C TYR A 407 8.84 -26.65 -9.56
N LEU A 408 8.45 -26.15 -8.39
CA LEU A 408 7.06 -25.81 -8.10
C LEU A 408 6.99 -24.60 -7.18
N ASP A 409 6.09 -23.68 -7.53
CA ASP A 409 5.71 -22.52 -6.74
C ASP A 409 4.19 -22.37 -6.88
N VAL A 410 3.50 -22.31 -5.74
CA VAL A 410 2.07 -22.00 -5.69
C VAL A 410 1.88 -20.65 -4.97
N TYR A 411 1.28 -19.71 -5.69
CA TYR A 411 1.01 -18.37 -5.18
C TYR A 411 -0.48 -18.20 -5.01
N VAL A 412 -0.92 -17.69 -3.87
CA VAL A 412 -2.34 -17.44 -3.66
C VAL A 412 -2.57 -15.96 -3.37
N PHE A 413 -3.41 -15.33 -4.19
CA PHE A 413 -3.83 -13.95 -3.95
C PHE A 413 -5.26 -14.01 -3.42
N GLY A 414 -5.40 -13.77 -2.12
CA GLY A 414 -6.70 -13.55 -1.50
C GLY A 414 -7.20 -12.11 -1.63
N VAL A 415 -8.51 -11.98 -1.84
CA VAL A 415 -9.15 -10.68 -2.08
C VAL A 415 -10.31 -10.46 -1.09
N GLY A 416 -10.30 -9.31 -0.40
CA GLY A 416 -11.40 -8.90 0.46
C GLY A 416 -11.39 -9.55 1.83
N PRO A 417 -12.32 -9.15 2.70
CA PRO A 417 -12.37 -9.60 4.11
C PRO A 417 -12.96 -10.99 4.35
N LEU A 418 -13.50 -11.63 3.32
CA LEU A 418 -14.25 -12.88 3.46
C LEU A 418 -13.45 -14.12 3.06
N VAL A 419 -12.20 -13.92 2.70
CA VAL A 419 -11.34 -15.02 2.27
C VAL A 419 -10.96 -15.90 3.46
N ASN A 420 -10.95 -17.21 3.23
CA ASN A 420 -10.52 -18.16 4.24
C ASN A 420 -8.97 -18.16 4.35
N GLN A 421 -8.46 -17.60 5.43
CA GLN A 421 -7.04 -17.40 5.62
C GLN A 421 -6.24 -18.68 5.89
N VAL A 422 -6.83 -19.61 6.64
CA VAL A 422 -6.21 -20.91 6.84
C VAL A 422 -5.99 -21.62 5.50
N ASN A 423 -6.99 -21.52 4.60
CA ASN A 423 -7.01 -22.27 3.36
C ASN A 423 -6.14 -21.69 2.25
N ILE A 424 -6.02 -20.37 2.19
CA ILE A 424 -5.14 -19.74 1.21
C ILE A 424 -3.67 -19.98 1.59
N ASN A 425 -3.39 -20.02 2.89
CA ASN A 425 -2.05 -20.28 3.38
C ASN A 425 -1.67 -21.75 3.19
N ALA A 426 -2.63 -22.63 3.41
CA ALA A 426 -2.41 -24.09 3.28
C ALA A 426 -1.96 -24.53 1.89
N LEU A 427 -2.45 -23.83 0.87
CA LEU A 427 -2.15 -24.17 -0.53
C LEU A 427 -0.86 -23.53 -1.02
N ALA A 428 -0.53 -22.38 -0.46
CA ALA A 428 0.59 -21.58 -0.95
C ALA A 428 1.89 -22.24 -0.53
N SER A 429 2.89 -22.15 -1.40
CA SER A 429 4.24 -22.64 -1.09
C SER A 429 4.76 -21.97 0.18
N LYS A 430 5.67 -22.65 0.86
CA LYS A 430 6.36 -22.15 2.04
C LYS A 430 7.85 -22.29 1.80
N LYS A 431 8.45 -21.19 1.37
CA LYS A 431 9.86 -21.16 1.07
C LYS A 431 10.56 -20.08 1.89
N ASP A 432 11.75 -20.38 2.38
CA ASP A 432 12.50 -19.46 3.23
C ASP A 432 12.76 -18.09 2.59
N ASN A 433 12.45 -17.04 3.34
CA ASN A 433 12.61 -15.63 2.92
C ASN A 433 11.83 -15.28 1.67
N GLU A 434 10.72 -15.99 1.46
CA GLU A 434 9.84 -15.70 0.35
C GLU A 434 8.42 -15.63 0.88
N GLN A 435 7.57 -14.89 0.17
CA GLN A 435 6.17 -14.83 0.49
C GLN A 435 5.35 -15.32 -0.72
N HIS A 436 4.39 -16.22 -0.45
CA HIS A 436 3.53 -16.84 -1.49
C HIS A 436 2.04 -16.70 -1.23
N VAL A 437 1.67 -16.05 -0.13
CA VAL A 437 0.26 -15.83 0.23
C VAL A 437 0.04 -14.33 0.41
N PHE A 438 -0.94 -13.79 -0.30
CA PHE A 438 -1.29 -12.38 -0.21
C PHE A 438 -2.77 -12.14 0.10
N LYS A 439 -3.06 -11.08 0.84
CA LYS A 439 -4.44 -10.63 1.11
C LYS A 439 -4.52 -9.13 0.91
N VAL A 440 -5.20 -8.74 -0.18
CA VAL A 440 -5.45 -7.35 -0.52
C VAL A 440 -6.92 -7.01 -0.22
N LYS A 441 -7.21 -5.71 -0.15
CA LYS A 441 -8.52 -5.21 0.24
C LYS A 441 -9.64 -5.58 -0.73
N ASP A 442 -9.27 -5.63 -2.01
CA ASP A 442 -10.12 -5.22 -3.12
C ASP A 442 -9.64 -5.79 -4.42
N MET A 443 -10.57 -5.99 -5.33
CA MET A 443 -10.23 -6.23 -6.73
C MET A 443 -9.48 -5.02 -7.33
N GLU A 444 -9.87 -3.81 -6.96
CA GLU A 444 -9.15 -2.61 -7.34
C GLU A 444 -7.70 -2.63 -6.86
N ASN A 445 -7.48 -3.16 -5.66
CA ASN A 445 -6.16 -3.25 -5.07
C ASN A 445 -5.34 -4.37 -5.68
N LEU A 446 -5.99 -5.48 -5.99
CA LEU A 446 -5.35 -6.55 -6.75
C LEU A 446 -4.88 -6.07 -8.13
N GLU A 447 -5.70 -5.29 -8.81
CA GLU A 447 -5.32 -4.67 -10.07
C GLU A 447 -4.11 -3.77 -9.91
N ASP A 448 -4.04 -3.06 -8.79
CA ASP A 448 -2.95 -2.16 -8.46
C ASP A 448 -1.60 -2.88 -8.28
N VAL A 449 -1.64 -4.12 -7.85
CA VAL A 449 -0.45 -4.96 -7.67
C VAL A 449 0.28 -5.08 -9.00
N PHE A 450 -0.49 -5.35 -10.05
CA PHE A 450 0.04 -5.66 -11.36
C PHE A 450 0.32 -4.41 -12.19
N TYR A 451 -0.38 -3.32 -11.88
CA TYR A 451 -0.05 -2.02 -12.45
C TYR A 451 1.29 -1.49 -11.91
N GLN A 452 1.52 -1.69 -10.61
CA GLN A 452 2.79 -1.37 -9.95
C GLN A 452 3.96 -2.18 -10.58
N MET A 453 3.75 -3.49 -10.79
CA MET A 453 4.78 -4.37 -11.37
C MET A 453 5.15 -3.91 -12.78
N ILE A 454 4.15 -3.47 -13.54
CA ILE A 454 4.34 -2.90 -14.87
C ILE A 454 5.09 -1.56 -14.83
N ASP A 455 4.85 -0.77 -13.79
CA ASP A 455 5.50 0.54 -13.62
C ASP A 455 6.96 0.45 -13.17
N GLU A 456 7.35 -0.71 -12.67
CA GLU A 456 8.67 -0.93 -12.08
C GLU A 456 9.84 -0.64 -13.03
N SER A 457 9.74 -1.09 -14.27
CA SER A 457 10.86 -1.01 -15.21
C SER A 457 10.92 0.30 -15.97
N GLN A 458 9.88 1.12 -15.82
CA GLN A 458 9.79 2.44 -16.43
C GLN A 458 10.85 3.37 -15.85
N SER A 459 11.21 4.43 -16.59
CA SER A 459 12.24 5.36 -16.10
C SER A 459 11.83 6.06 -14.80
N LEU A 460 12.84 6.57 -14.10
CA LEU A 460 12.65 7.24 -12.83
C LEU A 460 11.83 8.52 -12.96
N SER A 461 11.74 9.00 -14.21
CA SER A 461 10.88 10.15 -14.58
C SER A 461 9.39 9.87 -14.46
N LEU A 462 8.99 8.59 -14.48
CA LEU A 462 7.61 8.23 -14.17
C LEU A 462 7.15 8.92 -12.88
N CYS A 463 6.15 9.78 -13.07
CA CYS A 463 5.64 10.66 -12.02
C CYS A 463 4.88 9.91 -10.93
N GLY A 464 5.20 10.23 -9.67
CA GLY A 464 4.45 9.76 -8.52
C GLY A 464 4.41 8.25 -8.39
N MET A 465 5.51 7.59 -8.69
CA MET A 465 5.64 6.15 -8.51
C MET A 465 6.67 5.93 -7.43
N VAL A 466 6.38 5.02 -6.51
CA VAL A 466 7.30 4.68 -5.44
C VAL A 466 7.36 3.15 -5.35
N TRP A 467 8.55 2.58 -5.56
CA TRP A 467 8.72 1.15 -5.35
C TRP A 467 8.91 0.88 -3.86
N GLU A 468 8.36 -0.23 -3.39
CA GLU A 468 8.47 -0.62 -1.99
C GLU A 468 9.80 -1.33 -1.72
N HIS A 469 10.87 -0.53 -1.66
CA HIS A 469 12.19 -1.03 -1.32
C HIS A 469 12.20 -1.51 0.13
N ARG A 470 12.66 -2.73 0.34
CA ARG A 470 12.61 -3.35 1.65
C ARG A 470 13.47 -2.62 2.67
N LYS A 471 14.64 -2.15 2.26
CA LYS A 471 15.55 -1.45 3.17
C LYS A 471 15.56 0.06 2.98
N GLY A 472 14.54 0.59 2.32
CA GLY A 472 14.43 2.04 2.08
C GLY A 472 14.23 2.93 3.31
N THR A 473 14.63 4.20 3.19
CA THR A 473 14.47 5.18 4.25
C THR A 473 13.32 6.12 3.90
N ASP A 474 13.22 7.25 4.59
CA ASP A 474 12.11 8.20 4.39
C ASP A 474 12.08 8.79 3.01
N TYR A 475 13.24 8.99 2.41
CA TYR A 475 13.28 9.58 1.09
C TYR A 475 13.09 8.60 -0.05
N HIS A 476 13.17 7.31 0.27
CA HIS A 476 12.72 6.28 -0.65
C HIS A 476 11.20 6.17 -0.68
N LYS A 477 10.53 6.59 0.38
CA LYS A 477 9.07 6.48 0.46
C LYS A 477 8.35 7.75 0.02
N GLN A 478 9.03 8.90 0.10
CA GLN A 478 8.50 10.17 -0.42
C GLN A 478 9.53 10.88 -1.28
N PRO A 479 9.92 10.27 -2.42
CA PRO A 479 11.04 10.76 -3.23
C PRO A 479 10.84 12.17 -3.81
N TRP A 480 9.61 12.66 -3.81
CA TRP A 480 9.30 13.99 -4.36
C TRP A 480 9.52 15.14 -3.37
N GLN A 481 9.80 14.83 -2.10
CA GLN A 481 9.76 15.84 -1.04
C GLN A 481 10.98 16.80 -1.07
N ALA A 482 10.69 18.09 -1.03
CA ALA A 482 11.74 19.12 -1.01
C ALA A 482 11.67 19.91 0.30
N LYS A 483 12.84 20.27 0.82
CA LYS A 483 12.96 21.20 1.93
C LYS A 483 13.51 22.55 1.48
N ILE A 484 12.80 23.62 1.83
CA ILE A 484 13.18 24.97 1.47
C ILE A 484 13.61 25.73 2.72
N SER A 485 14.79 26.36 2.66
CA SER A 485 15.24 27.27 3.69
C SER A 485 15.46 28.67 3.15
N VAL A 486 15.00 29.68 3.88
CA VAL A 486 15.30 31.07 3.54
C VAL A 486 15.99 31.77 4.71
N ILE A 487 17.16 32.34 4.46
CA ILE A 487 17.89 33.05 5.50
C ILE A 487 17.50 34.52 5.54
N ARG A 488 17.24 35.01 6.74
CA ARG A 488 16.85 36.39 6.96
C ARG A 488 17.66 36.92 8.12
N PRO A 489 18.43 38.01 7.90
CA PRO A 489 19.31 38.64 8.89
C PRO A 489 18.60 39.05 10.20
N SER A 490 19.22 38.68 11.32
CA SER A 490 18.76 39.07 12.67
C SER A 490 17.33 38.62 13.03
N LYS A 491 16.99 37.39 12.63
CA LYS A 491 15.62 36.92 12.58
C LYS A 491 15.62 35.43 12.29
N GLY A 492 14.51 34.75 12.57
CA GLY A 492 14.41 33.31 12.36
C GLY A 492 14.39 32.94 10.89
N HIS A 493 15.12 31.88 10.53
CA HIS A 493 15.09 31.39 9.16
C HIS A 493 13.73 30.77 8.84
N GLU A 494 13.32 30.92 7.59
CA GLU A 494 12.13 30.27 7.07
C GLU A 494 12.48 28.82 6.77
N SER A 495 11.59 27.91 7.17
CA SER A 495 11.65 26.51 6.76
C SER A 495 10.28 26.11 6.25
N CYS A 496 10.22 25.70 4.97
CA CYS A 496 9.00 25.31 4.26
C CYS A 496 9.25 23.98 3.54
N MET A 497 8.19 23.40 2.98
CA MET A 497 8.29 22.19 2.16
C MET A 497 7.86 22.49 0.73
N GLY A 498 8.14 21.56 -0.16
CA GLY A 498 7.75 21.66 -1.57
C GLY A 498 7.75 20.29 -2.19
N ALA A 499 7.41 20.22 -3.47
CA ALA A 499 7.43 18.98 -4.23
C ALA A 499 8.20 19.15 -5.54
N VAL A 500 9.08 18.21 -5.85
CA VAL A 500 9.72 18.12 -7.16
C VAL A 500 8.66 17.81 -8.21
N VAL A 501 8.56 18.66 -9.23
CA VAL A 501 7.57 18.47 -10.30
C VAL A 501 8.20 18.26 -11.68
N SER A 502 9.48 18.61 -11.79
CA SER A 502 10.31 18.37 -12.97
C SER A 502 11.79 18.52 -12.60
N GLU A 503 12.67 18.32 -13.56
CA GLU A 503 14.10 18.34 -13.30
C GLU A 503 14.61 19.73 -12.94
N TYR A 504 13.80 20.74 -13.21
CA TYR A 504 14.19 22.12 -12.92
C TYR A 504 13.30 22.81 -11.89
N PHE A 505 12.18 22.20 -11.54
CA PHE A 505 11.16 22.89 -10.75
C PHE A 505 10.70 22.20 -9.46
N VAL A 506 10.60 23.03 -8.44
CA VAL A 506 9.99 22.69 -7.16
C VAL A 506 8.79 23.61 -6.95
N LEU A 507 7.64 22.99 -6.69
CA LEU A 507 6.38 23.68 -6.41
C LEU A 507 6.17 23.82 -4.90
N THR A 508 5.87 25.04 -4.45
CA THR A 508 5.68 25.32 -3.02
C THR A 508 4.64 26.44 -2.85
N ALA A 509 4.57 27.04 -1.65
CA ALA A 509 3.66 28.19 -1.39
C ALA A 509 4.39 29.51 -1.61
N ALA A 510 3.67 30.54 -2.03
CA ALA A 510 4.25 31.89 -2.13
C ALA A 510 4.59 32.56 -0.78
N HIS A 511 3.87 32.20 0.29
CA HIS A 511 4.03 32.88 1.59
C HIS A 511 5.35 32.56 2.29
N CYS A 512 6.08 31.58 1.77
CA CYS A 512 7.43 31.27 2.22
C CYS A 512 8.48 32.32 1.78
N PHE A 513 8.11 33.22 0.87
CA PHE A 513 9.06 34.20 0.32
C PHE A 513 8.45 35.60 0.23
N THR A 514 9.30 36.60 0.41
CA THR A 514 8.95 37.98 0.04
C THR A 514 9.89 38.50 -1.06
N VAL A 515 9.62 39.71 -1.54
CA VAL A 515 10.45 40.41 -2.54
C VAL A 515 11.88 40.69 -2.03
N ASP A 516 12.01 40.88 -0.72
CA ASP A 516 13.29 41.18 -0.07
C ASP A 516 14.28 40.00 -0.04
N ASP A 517 13.77 38.78 -0.21
CA ASP A 517 14.63 37.59 -0.27
C ASP A 517 15.42 37.49 -1.57
N LYS A 518 16.73 37.71 -1.48
CA LYS A 518 17.64 37.47 -2.61
C LYS A 518 17.78 35.97 -2.82
N GLU A 519 18.01 35.58 -4.06
CA GLU A 519 18.14 34.16 -4.43
C GLU A 519 19.23 33.40 -3.67
N HIS A 520 20.30 34.09 -3.26
CA HIS A 520 21.37 33.43 -2.51
C HIS A 520 20.96 33.02 -1.10
N SER A 521 19.90 33.64 -0.57
CA SER A 521 19.37 33.33 0.76
C SER A 521 18.45 32.12 0.76
N ILE A 522 18.01 31.72 -0.42
CA ILE A 522 17.06 30.63 -0.59
C ILE A 522 17.80 29.36 -1.02
N LYS A 523 17.63 28.29 -0.24
CA LYS A 523 18.21 26.99 -0.56
C LYS A 523 17.17 25.88 -0.53
N VAL A 524 17.44 24.83 -1.31
CA VAL A 524 16.54 23.71 -1.48
C VAL A 524 17.33 22.42 -1.26
N SER A 525 16.78 21.49 -0.53
CA SER A 525 17.40 20.17 -0.48
C SER A 525 16.37 19.10 -0.80
N VAL A 526 16.85 18.06 -1.50
CA VAL A 526 16.02 16.94 -1.96
C VAL A 526 16.76 15.64 -1.65
N GLY A 527 16.01 14.54 -1.59
CA GLY A 527 16.57 13.21 -1.37
C GLY A 527 17.24 12.93 -0.05
N GLY A 528 17.07 13.84 0.92
CA GLY A 528 17.74 13.74 2.22
C GLY A 528 19.24 13.95 2.16
N GLU A 529 19.68 14.85 1.29
CA GLU A 529 21.10 15.09 1.08
C GLU A 529 21.52 16.37 1.81
N LYS A 530 22.73 16.33 2.38
CA LYS A 530 23.30 17.46 3.12
C LYS A 530 23.46 18.70 2.20
N ARG A 531 23.94 18.45 0.99
CA ARG A 531 23.99 19.42 -0.10
C ARG A 531 22.71 20.23 -0.21
N ASP A 532 22.80 21.55 -0.15
CA ASP A 532 21.65 22.37 -0.52
C ASP A 532 21.87 23.05 -1.86
N LEU A 533 20.83 23.04 -2.67
CA LEU A 533 20.92 23.39 -4.06
C LEU A 533 20.67 24.87 -4.29
N GLU A 534 21.45 25.43 -5.22
CA GLU A 534 21.27 26.81 -5.63
C GLU A 534 20.04 26.97 -6.54
N ILE A 535 19.37 28.11 -6.38
CA ILE A 535 18.18 28.40 -7.16
C ILE A 535 18.48 29.45 -8.24
N GLU A 536 17.64 29.52 -9.27
CA GLU A 536 17.76 30.53 -10.30
C GLU A 536 16.82 31.72 -10.04
N VAL A 537 15.57 31.43 -9.74
CA VAL A 537 14.53 32.44 -9.57
C VAL A 537 13.35 31.81 -8.83
N VAL A 538 12.50 32.63 -8.21
CA VAL A 538 11.21 32.19 -7.69
C VAL A 538 10.14 32.91 -8.49
N LEU A 539 9.20 32.14 -9.02
CA LEU A 539 8.11 32.68 -9.78
C LEU A 539 6.86 32.57 -8.92
N PHE A 540 6.25 33.71 -8.60
CA PHE A 540 5.02 33.77 -7.82
C PHE A 540 3.83 33.77 -8.76
N HIS A 541 2.71 33.16 -8.35
CA HIS A 541 1.47 33.38 -9.09
C HIS A 541 1.20 34.90 -9.22
N PRO A 542 0.96 35.37 -10.45
CA PRO A 542 0.78 36.82 -10.69
C PRO A 542 -0.39 37.49 -9.94
N ASN A 543 -1.33 36.71 -9.40
CA ASN A 543 -2.45 37.23 -8.61
C ASN A 543 -2.24 37.22 -7.12
N TYR A 544 -1.11 36.67 -6.68
CA TYR A 544 -0.80 36.58 -5.26
C TYR A 544 -0.39 37.94 -4.68
N ASN A 545 -1.03 38.28 -3.58
CA ASN A 545 -0.71 39.49 -2.83
C ASN A 545 -1.12 39.28 -1.37
N ILE A 546 -0.14 38.94 -0.53
CA ILE A 546 -0.38 38.72 0.89
C ILE A 546 -1.04 39.95 1.53
N ASN A 547 -0.62 41.13 1.08
CA ASN A 547 -1.05 42.40 1.64
C ASN A 547 -2.31 42.96 1.02
N GLY A 548 -3.09 42.06 0.42
CA GLY A 548 -4.54 42.16 0.38
C GLY A 548 -5.14 43.32 -0.35
N LYS A 549 -6.19 43.94 0.19
CA LYS A 549 -7.01 43.51 1.38
C LYS A 549 -6.59 43.86 2.81
N LYS A 550 -5.42 44.45 2.99
CA LYS A 550 -5.02 44.92 4.32
C LYS A 550 -5.83 46.15 4.77
N GLU A 551 -6.06 47.08 3.83
CA GLU A 551 -6.83 48.29 4.11
C GLU A 551 -8.30 47.97 4.34
N ALA A 552 -8.71 46.77 3.93
CA ALA A 552 -10.07 46.27 4.17
C ALA A 552 -10.17 45.52 5.51
N GLY A 553 -9.12 45.59 6.32
CA GLY A 553 -9.10 45.00 7.66
C GLY A 553 -8.67 43.54 7.74
N ILE A 554 -7.96 43.08 6.71
CA ILE A 554 -7.54 41.67 6.62
C ILE A 554 -6.02 41.61 6.45
N PRO A 555 -5.28 41.16 7.50
CA PRO A 555 -3.82 41.35 7.53
C PRO A 555 -3.06 40.43 6.58
N GLU A 556 -3.57 39.22 6.37
CA GLU A 556 -3.01 38.23 5.47
C GLU A 556 -4.10 37.73 4.54
N PHE A 557 -3.79 37.73 3.24
CA PHE A 557 -4.71 37.26 2.22
C PHE A 557 -3.97 36.23 1.38
N TYR A 558 -4.38 34.97 1.52
CA TYR A 558 -3.63 33.82 0.98
C TYR A 558 -4.06 33.36 -0.41
N ASP A 559 -4.98 34.09 -1.03
CA ASP A 559 -5.41 33.76 -2.38
C ASP A 559 -4.20 33.57 -3.32
N TYR A 560 -4.28 32.54 -4.17
CA TYR A 560 -3.25 32.24 -5.19
C TYR A 560 -1.85 32.01 -4.61
N ASP A 561 -1.80 31.34 -3.47
CA ASP A 561 -0.60 31.19 -2.66
C ASP A 561 0.26 30.02 -3.19
N VAL A 562 0.70 30.16 -4.45
CA VAL A 562 1.59 29.19 -5.07
C VAL A 562 2.79 29.86 -5.75
N ALA A 563 3.93 29.17 -5.69
CA ALA A 563 5.15 29.64 -6.33
C ALA A 563 5.96 28.47 -6.84
N LEU A 564 6.73 28.71 -7.91
CA LEU A 564 7.65 27.73 -8.43
C LEU A 564 9.09 28.21 -8.22
N ILE A 565 9.90 27.33 -7.67
CA ILE A 565 11.33 27.54 -7.59
C ILE A 565 11.99 26.87 -8.79
N LYS A 566 12.67 27.67 -9.61
CA LYS A 566 13.52 27.14 -10.64
C LYS A 566 14.95 26.99 -10.13
N LEU A 567 15.44 25.77 -10.18
CA LEU A 567 16.80 25.43 -9.74
C LEU A 567 17.84 25.89 -10.75
N LYS A 568 19.07 26.11 -10.28
CA LYS A 568 20.18 26.53 -11.15
C LYS A 568 20.56 25.38 -12.06
N ASN A 569 20.62 24.19 -11.48
CA ASN A 569 21.08 22.97 -12.16
C ASN A 569 19.97 21.93 -12.31
N LYS A 570 20.13 21.07 -13.31
CA LYS A 570 19.17 20.01 -13.58
C LYS A 570 19.35 18.92 -12.53
N LEU A 571 18.22 18.46 -11.99
CA LEU A 571 18.20 17.33 -11.08
C LEU A 571 18.43 16.03 -11.81
N LYS A 572 19.25 15.17 -11.23
CA LYS A 572 19.35 13.77 -11.65
C LYS A 572 18.39 12.95 -10.79
N TYR A 573 17.37 12.36 -11.43
CA TYR A 573 16.41 11.51 -10.72
C TYR A 573 17.08 10.25 -10.23
N GLY A 574 16.52 9.64 -9.20
CA GLY A 574 17.12 8.47 -8.54
C GLY A 574 16.08 7.90 -7.60
N GLN A 575 16.46 6.92 -6.78
CA GLN A 575 15.48 6.27 -5.94
C GLN A 575 14.97 7.17 -4.82
N THR A 576 15.73 8.22 -4.46
CA THR A 576 15.31 9.16 -3.42
C THR A 576 14.89 10.55 -3.94
N ILE A 577 14.96 10.77 -5.27
CA ILE A 577 14.54 12.03 -5.92
C ILE A 577 13.74 11.70 -7.19
N ARG A 578 12.42 11.86 -7.13
CA ARG A 578 11.54 11.56 -8.25
C ARG A 578 10.40 12.56 -8.29
N PRO A 579 9.83 12.84 -9.49
CA PRO A 579 8.79 13.85 -9.56
C PRO A 579 7.41 13.35 -9.10
N ILE A 580 6.61 14.21 -8.46
CA ILE A 580 5.22 13.87 -8.21
C ILE A 580 4.38 14.22 -9.47
N CYS A 581 3.24 13.55 -9.65
CA CYS A 581 2.31 13.88 -10.73
C CYS A 581 1.50 15.14 -10.41
N LEU A 582 1.34 15.99 -11.42
CA LEU A 582 0.51 17.18 -11.34
C LEU A 582 -0.85 16.98 -12.00
N PRO A 583 -1.88 17.69 -11.54
CA PRO A 583 -3.17 17.59 -12.20
C PRO A 583 -3.10 18.05 -13.65
N CYS A 584 -3.98 17.45 -14.47
CA CYS A 584 -4.18 17.82 -15.85
C CYS A 584 -2.96 17.76 -16.79
N THR A 585 -2.28 16.62 -16.69
CA THR A 585 -1.19 16.28 -17.56
C THR A 585 -1.43 14.87 -18.06
N GLU A 586 -0.76 14.54 -19.16
CA GLU A 586 -0.69 13.17 -19.68
C GLU A 586 -0.22 12.17 -18.60
N GLY A 587 0.73 12.59 -17.76
CA GLY A 587 1.28 11.74 -16.72
C GLY A 587 0.22 11.19 -15.77
N THR A 588 -0.73 12.06 -15.40
CA THR A 588 -1.77 11.72 -14.45
C THR A 588 -2.82 10.82 -15.09
N THR A 589 -3.10 11.05 -16.36
CA THR A 589 -4.02 10.20 -17.09
C THR A 589 -3.50 8.78 -17.03
N ARG A 590 -2.23 8.62 -17.33
CA ARG A 590 -1.58 7.32 -17.27
C ARG A 590 -1.52 6.71 -15.86
N ALA A 591 -1.18 7.53 -14.87
CA ALA A 591 -1.21 7.13 -13.45
C ALA A 591 -2.56 6.58 -13.01
N LEU A 592 -3.64 7.17 -13.53
CA LEU A 592 -5.01 6.77 -13.19
C LEU A 592 -5.49 5.60 -14.05
N ARG A 593 -4.64 5.16 -14.99
CA ARG A 593 -4.90 4.04 -15.89
C ARG A 593 -6.03 4.36 -16.88
N LEU A 594 -6.06 5.61 -17.33
CA LEU A 594 -7.14 6.08 -18.19
C LEU A 594 -6.70 6.19 -19.66
N PRO A 595 -7.68 6.22 -20.60
CA PRO A 595 -7.37 6.30 -22.04
C PRO A 595 -6.80 7.67 -22.42
N PRO A 596 -5.99 7.73 -23.49
CA PRO A 596 -5.27 8.97 -23.85
C PRO A 596 -6.16 10.20 -24.16
N THR A 597 -7.41 9.97 -24.56
CA THR A 597 -8.36 11.06 -24.84
C THR A 597 -8.94 11.75 -23.58
N THR A 598 -8.64 11.19 -22.40
CA THR A 598 -9.05 11.73 -21.10
C THR A 598 -8.80 13.24 -20.94
N THR A 599 -9.82 13.96 -20.50
CA THR A 599 -9.71 15.40 -20.30
C THR A 599 -9.37 15.78 -18.85
N CYS A 600 -8.98 17.02 -18.67
CA CYS A 600 -8.77 17.63 -17.35
C CYS A 600 -10.03 17.63 -16.44
N GLN A 601 -11.20 17.91 -17.02
CA GLN A 601 -12.46 17.75 -16.28
C GLN A 601 -12.70 16.31 -15.85
N GLN A 602 -12.39 15.34 -16.71
CA GLN A 602 -12.46 13.92 -16.33
C GLN A 602 -11.52 13.56 -15.17
N GLN A 603 -10.32 14.14 -15.17
CA GLN A 603 -9.34 13.95 -14.10
C GLN A 603 -9.81 14.53 -12.76
N LYS A 604 -10.35 15.75 -12.79
CA LYS A 604 -10.91 16.41 -11.63
C LYS A 604 -12.05 15.60 -11.02
N GLU A 605 -12.90 15.05 -11.87
CA GLU A 605 -14.01 14.21 -11.45
C GLU A 605 -13.53 12.95 -10.74
N GLU A 606 -12.44 12.39 -11.24
CA GLU A 606 -11.81 11.19 -10.68
C GLU A 606 -11.06 11.48 -9.37
N LEU A 607 -10.48 12.68 -9.28
CA LEU A 607 -9.54 13.01 -8.20
C LEU A 607 -10.19 13.82 -7.09
N LEU A 608 -11.00 14.81 -7.48
CA LEU A 608 -11.73 15.67 -6.56
C LEU A 608 -13.24 15.64 -6.84
N PRO A 609 -13.89 14.48 -6.64
CA PRO A 609 -15.34 14.42 -6.73
C PRO A 609 -15.99 15.19 -5.56
N ALA A 610 -17.30 15.35 -5.62
CA ALA A 610 -18.03 16.13 -4.62
C ALA A 610 -18.31 15.27 -3.37
N GLN A 611 -17.23 14.88 -2.71
CA GLN A 611 -17.26 13.95 -1.56
C GLN A 611 -16.21 14.34 -0.52
N ASP A 612 -16.13 13.54 0.55
CA ASP A 612 -14.99 13.57 1.45
C ASP A 612 -13.90 12.73 0.80
N ILE A 613 -12.82 13.39 0.37
CA ILE A 613 -11.78 12.75 -0.41
C ILE A 613 -10.62 12.38 0.51
N LYS A 614 -10.26 11.10 0.50
CA LYS A 614 -9.08 10.64 1.20
C LYS A 614 -7.85 11.17 0.49
N ALA A 615 -6.99 11.82 1.27
CA ALA A 615 -5.77 12.41 0.77
C ALA A 615 -4.70 12.31 1.87
N LEU A 616 -3.52 12.79 1.59
CA LEU A 616 -2.44 12.78 2.57
C LEU A 616 -1.51 13.97 2.36
N PHE A 617 -0.78 14.30 3.43
CA PHE A 617 0.38 15.17 3.31
C PHE A 617 1.55 14.53 4.06
N VAL A 618 2.75 15.03 3.82
CA VAL A 618 3.94 14.55 4.51
C VAL A 618 4.36 15.58 5.54
N SER A 619 4.59 15.08 6.76
CA SER A 619 4.96 15.88 7.92
C SER A 619 6.31 15.41 8.48
N GLU A 620 7.14 16.36 8.90
CA GLU A 620 8.44 16.04 9.48
C GLU A 620 8.47 16.27 10.99
N GLU A 621 8.86 15.22 11.73
CA GLU A 621 9.00 15.28 13.17
C GLU A 621 10.33 14.65 13.54
N GLU A 622 11.34 15.51 13.77
CA GLU A 622 12.68 15.06 14.20
C GLU A 622 13.45 14.33 13.08
N LYS A 623 13.41 14.93 11.89
CA LYS A 623 14.06 14.41 10.67
C LYS A 623 13.29 13.27 9.98
N LYS A 624 12.40 12.61 10.72
CA LYS A 624 11.55 11.57 10.13
C LYS A 624 10.33 12.13 9.38
N LEU A 625 10.09 11.59 8.20
CA LEU A 625 8.91 11.94 7.40
C LEU A 625 7.83 10.88 7.60
N THR A 626 6.64 11.29 8.07
CA THR A 626 5.50 10.38 8.10
C THR A 626 4.31 10.89 7.29
N ARG A 627 3.62 9.98 6.63
CA ARG A 627 2.39 10.30 5.92
C ARG A 627 1.25 10.44 6.92
N LYS A 628 0.49 11.51 6.75
CA LYS A 628 -0.65 11.83 7.57
C LYS A 628 -1.86 11.88 6.65
N GLU A 629 -2.77 10.94 6.82
CA GLU A 629 -4.01 10.89 6.06
C GLU A 629 -5.01 11.92 6.56
N VAL A 630 -5.59 12.65 5.61
CA VAL A 630 -6.59 13.67 5.88
C VAL A 630 -7.75 13.52 4.89
N TYR A 631 -8.86 14.22 5.17
CA TYR A 631 -10.00 14.17 4.25
C TYR A 631 -10.39 15.55 3.78
N ILE A 632 -10.42 15.71 2.47
CA ILE A 632 -10.76 16.98 1.86
C ILE A 632 -12.28 17.06 1.85
N LYS A 633 -12.82 18.12 2.47
CA LYS A 633 -14.28 18.31 2.50
C LYS A 633 -14.71 19.01 1.21
N ASN A 634 -15.03 18.21 0.21
CA ASN A 634 -15.40 18.73 -1.09
C ASN A 634 -16.86 18.47 -1.47
N GLY A 635 -17.64 17.94 -0.53
CA GLY A 635 -19.07 17.73 -0.74
C GLY A 635 -19.89 18.66 0.14
N ASP A 636 -20.91 18.12 0.80
CA ASP A 636 -21.81 18.91 1.66
C ASP A 636 -21.12 19.57 2.87
N LYS A 637 -19.95 19.06 3.26
CA LYS A 637 -19.24 19.55 4.44
C LYS A 637 -18.34 20.75 4.16
N LYS A 638 -18.20 21.09 2.88
CA LYS A 638 -17.31 22.16 2.44
C LYS A 638 -17.61 23.49 3.13
N GLY A 639 -18.87 23.90 3.10
CA GLY A 639 -19.30 25.16 3.70
C GLY A 639 -18.95 25.29 5.16
N SER A 640 -19.20 24.23 5.94
CA SER A 640 -18.91 24.25 7.36
C SER A 640 -17.40 24.22 7.64
N CYS A 641 -16.63 23.56 6.78
CA CYS A 641 -15.19 23.62 6.90
C CYS A 641 -14.71 25.06 6.66
N GLU A 642 -15.13 25.64 5.54
CA GLU A 642 -14.79 27.01 5.18
C GLU A 642 -15.18 28.06 6.21
N ARG A 643 -16.35 27.91 6.84
CA ARG A 643 -16.83 28.88 7.84
C ARG A 643 -15.95 28.94 9.09
N ASP A 644 -15.28 27.83 9.41
CA ASP A 644 -14.34 27.77 10.55
C ASP A 644 -13.12 28.69 10.43
N ALA A 645 -12.96 29.32 9.27
CA ALA A 645 -11.92 30.34 9.07
C ALA A 645 -12.05 31.54 10.01
N GLN A 646 -13.29 31.85 10.44
CA GLN A 646 -13.56 32.95 11.37
C GLN A 646 -12.79 32.79 12.68
N TYR A 647 -12.45 31.55 13.02
CA TYR A 647 -11.68 31.24 14.21
C TYR A 647 -10.18 31.47 14.05
N ALA A 648 -9.72 31.68 12.81
CA ALA A 648 -8.30 31.97 12.52
C ALA A 648 -7.92 33.35 13.08
N PRO A 649 -6.65 33.51 13.51
CA PRO A 649 -6.28 34.79 14.13
C PRO A 649 -6.11 35.89 13.07
N GLY A 650 -6.73 37.03 13.31
CA GLY A 650 -6.77 38.11 12.30
C GLY A 650 -8.07 38.15 11.53
N TYR A 651 -8.77 37.02 11.45
CA TYR A 651 -10.01 36.89 10.68
C TYR A 651 -11.31 36.97 11.49
N ASP A 652 -11.21 37.36 12.76
CA ASP A 652 -12.35 37.31 13.68
C ASP A 652 -13.40 38.41 13.43
N LYS A 653 -12.97 39.47 12.75
CA LYS A 653 -13.84 40.61 12.43
C LYS A 653 -14.40 40.50 11.01
N VAL A 654 -13.89 39.56 10.23
CA VAL A 654 -14.37 39.38 8.87
C VAL A 654 -15.86 39.01 8.88
N LYS A 655 -16.66 39.88 8.29
CA LYS A 655 -18.11 39.69 8.18
C LYS A 655 -18.48 38.61 7.16
N ASP A 656 -17.85 38.66 5.98
CA ASP A 656 -18.14 37.73 4.89
C ASP A 656 -16.93 36.84 4.69
N ILE A 657 -17.08 35.56 5.03
CA ILE A 657 -15.95 34.63 5.05
C ILE A 657 -15.34 34.36 3.66
N SER A 658 -16.16 34.50 2.62
CA SER A 658 -15.70 34.33 1.23
C SER A 658 -14.61 35.33 0.82
N GLU A 659 -14.53 36.43 1.55
CA GLU A 659 -13.44 37.40 1.33
C GLU A 659 -12.04 36.87 1.71
N VAL A 660 -11.98 35.82 2.52
CA VAL A 660 -10.72 35.17 2.88
C VAL A 660 -10.60 33.72 2.36
N VAL A 661 -11.73 33.02 2.22
CA VAL A 661 -11.73 31.66 1.69
C VAL A 661 -12.32 31.68 0.27
N THR A 662 -11.43 31.58 -0.71
CA THR A 662 -11.77 31.84 -2.09
C THR A 662 -12.00 30.52 -2.80
N PRO A 663 -12.52 30.56 -4.04
CA PRO A 663 -12.61 29.34 -4.85
C PRO A 663 -11.28 28.65 -5.16
N ARG A 664 -10.16 29.30 -4.84
CA ARG A 664 -8.86 28.62 -5.02
C ARG A 664 -8.54 27.57 -3.95
N PHE A 665 -9.36 27.47 -2.90
CA PHE A 665 -9.01 26.70 -1.69
C PHE A 665 -9.71 25.34 -1.52
N LEU A 666 -8.94 24.41 -0.95
CA LEU A 666 -9.40 23.10 -0.50
C LEU A 666 -9.29 23.08 1.01
N CYS A 667 -10.15 22.29 1.65
CA CYS A 667 -10.28 22.28 3.10
C CYS A 667 -10.15 20.87 3.66
N THR A 668 -9.26 20.71 4.65
CA THR A 668 -9.12 19.46 5.41
C THR A 668 -9.18 19.78 6.91
N GLY A 669 -9.11 18.76 7.77
CA GLY A 669 -9.18 19.02 9.21
C GLY A 669 -10.58 18.82 9.77
N GLY A 670 -10.72 19.07 11.07
CA GLY A 670 -11.98 18.83 11.77
C GLY A 670 -12.14 17.39 12.20
N VAL A 671 -13.27 17.11 12.86
CA VAL A 671 -13.57 15.79 13.43
C VAL A 671 -14.60 15.00 12.60
N SER A 672 -15.05 15.56 11.49
CA SER A 672 -16.12 14.96 10.71
C SER A 672 -15.77 14.95 9.23
N PRO A 673 -15.86 13.76 8.58
CA PRO A 673 -16.34 12.50 9.16
C PRO A 673 -15.41 11.87 10.19
N TYR A 674 -14.12 12.20 10.13
CA TYR A 674 -13.10 11.58 10.99
C TYR A 674 -12.24 12.63 11.67
N ALA A 675 -11.59 12.21 12.75
CA ALA A 675 -10.60 13.04 13.42
C ALA A 675 -9.41 13.16 12.49
N ASP A 676 -9.28 14.32 11.85
CA ASP A 676 -8.15 14.61 10.97
C ASP A 676 -6.95 15.14 11.74
N PRO A 677 -5.73 14.68 11.39
CA PRO A 677 -4.52 15.38 11.83
C PRO A 677 -4.31 16.72 11.12
N ASN A 678 -3.54 17.60 11.74
CA ASN A 678 -3.26 18.94 11.19
C ASN A 678 -1.79 19.15 10.82
N THR A 679 -1.55 20.12 9.96
CA THR A 679 -0.20 20.40 9.47
C THR A 679 0.58 21.18 10.52
N CYS A 680 1.88 20.95 10.58
CA CYS A 680 2.78 21.74 11.42
C CYS A 680 3.33 22.90 10.61
N ARG A 681 3.81 23.93 11.32
CA ARG A 681 4.54 25.07 10.75
C ARG A 681 5.58 24.66 9.69
N GLY A 682 6.29 23.56 9.95
CA GLY A 682 7.34 23.07 9.07
C GLY A 682 6.83 22.44 7.77
N ASP A 683 5.57 22.04 7.75
CA ASP A 683 4.98 21.32 6.61
C ASP A 683 4.41 22.25 5.56
N SER A 684 4.39 23.54 5.88
CA SER A 684 3.78 24.55 5.02
C SER A 684 4.41 24.59 3.61
N GLY A 685 3.60 24.83 2.59
CA GLY A 685 4.05 24.78 1.21
C GLY A 685 4.15 23.37 0.62
N GLY A 686 4.05 22.34 1.47
CA GLY A 686 4.18 20.95 1.03
C GLY A 686 3.02 20.48 0.18
N PRO A 687 3.18 19.34 -0.51
CA PRO A 687 2.05 18.89 -1.33
C PRO A 687 0.89 18.27 -0.55
N LEU A 688 -0.35 18.54 -0.98
CA LEU A 688 -1.49 17.75 -0.55
C LEU A 688 -1.78 16.73 -1.66
N ILE A 689 -1.83 15.46 -1.31
CA ILE A 689 -1.70 14.37 -2.28
C ILE A 689 -2.84 13.36 -2.23
N VAL A 690 -3.31 12.94 -3.40
CA VAL A 690 -4.22 11.80 -3.50
C VAL A 690 -3.44 10.58 -4.00
N HIS A 691 -3.62 9.47 -3.29
CA HIS A 691 -2.97 8.23 -3.60
C HIS A 691 -4.03 7.34 -4.27
N LYS A 692 -3.93 7.21 -5.59
CA LYS A 692 -4.91 6.46 -6.35
C LYS A 692 -4.21 5.61 -7.40
N ARG A 693 -4.68 4.37 -7.54
CA ARG A 693 -4.13 3.40 -8.49
C ARG A 693 -2.62 3.13 -8.35
N SER A 694 -2.14 3.16 -7.11
CA SER A 694 -0.71 2.95 -6.79
C SER A 694 0.18 4.14 -7.10
N ARG A 695 -0.40 5.29 -7.44
CA ARG A 695 0.38 6.45 -7.80
C ARG A 695 0.02 7.66 -6.95
N PHE A 696 0.94 8.61 -6.85
CA PHE A 696 0.74 9.79 -6.03
C PHE A 696 0.56 11.02 -6.91
N ILE A 697 -0.61 11.65 -6.78
CA ILE A 697 -0.94 12.85 -7.53
C ILE A 697 -1.12 13.98 -6.55
N GLN A 698 -0.41 15.08 -6.81
CA GLN A 698 -0.54 16.29 -6.02
C GLN A 698 -1.75 17.09 -6.50
N VAL A 699 -2.72 17.29 -5.59
CA VAL A 699 -3.92 18.05 -5.93
C VAL A 699 -3.89 19.45 -5.27
N GLY A 700 -2.93 19.65 -4.36
CA GLY A 700 -2.92 20.87 -3.56
C GLY A 700 -1.58 21.29 -2.98
N VAL A 701 -1.49 22.55 -2.56
CA VAL A 701 -0.34 23.09 -1.85
C VAL A 701 -0.79 23.58 -0.45
N ILE A 702 -0.09 23.12 0.60
CA ILE A 702 -0.44 23.45 1.98
C ILE A 702 -0.22 24.95 2.22
N SER A 703 -1.27 25.65 2.62
CA SER A 703 -1.24 27.12 2.64
C SER A 703 -1.35 27.75 4.05
N TRP A 704 -2.51 27.60 4.69
CA TRP A 704 -2.70 28.19 6.02
C TRP A 704 -3.68 27.38 6.87
N GLY A 705 -3.68 27.64 8.17
CA GLY A 705 -4.49 26.88 9.11
C GLY A 705 -5.14 27.73 10.16
N VAL A 706 -6.24 27.21 10.72
CA VAL A 706 -7.04 27.98 11.66
C VAL A 706 -6.33 28.12 13.01
N VAL A 707 -5.75 27.02 13.48
CA VAL A 707 -5.05 26.97 14.77
C VAL A 707 -3.83 26.04 14.76
N ASP A 708 -2.77 26.43 15.44
CA ASP A 708 -1.62 25.54 15.68
C ASP A 708 -1.94 24.53 16.79
N VAL A 709 -2.08 23.28 16.38
CA VAL A 709 -2.61 22.23 17.23
C VAL A 709 -1.87 20.95 16.87
N CYS A 710 -0.69 21.11 16.24
CA CYS A 710 0.00 20.01 15.59
C CYS A 710 0.25 18.81 16.49
N LYS A 711 1.02 19.02 17.56
CA LYS A 711 1.50 17.94 18.40
C LYS A 711 0.59 17.65 19.61
N ASN A 712 -0.68 18.02 19.51
CA ASN A 712 -1.70 17.50 20.41
C ASN A 712 -1.87 16.02 20.06
N GLN A 713 -1.31 15.66 18.91
CA GLN A 713 -1.15 14.27 18.43
C GLN A 713 -0.76 13.27 19.53
N LYS A 714 0.51 13.31 19.93
CA LYS A 714 1.06 12.34 20.89
C LYS A 714 1.10 12.94 22.30
N ARG A 715 0.14 13.80 22.60
CA ARG A 715 0.15 14.63 23.81
C ARG A 715 -1.27 14.81 24.39
N GLN A 716 -2.24 14.97 23.50
CA GLN A 716 -3.68 15.13 23.84
C GLN A 716 -4.04 16.55 24.31
N LYS A 717 -5.03 17.22 23.68
CA LYS A 717 -5.95 16.69 22.64
C LYS A 717 -7.28 16.26 23.26
N GLN A 718 -8.32 17.13 23.24
CA GLN A 718 -8.26 18.58 22.96
C GLN A 718 -7.66 19.12 21.63
N VAL A 719 -8.02 18.50 20.50
CA VAL A 719 -7.90 19.17 19.19
C VAL A 719 -9.27 19.75 18.85
N PRO A 720 -9.36 21.10 18.70
CA PRO A 720 -10.68 21.69 18.46
C PRO A 720 -11.31 21.25 17.14
N ALA A 721 -12.63 21.21 17.09
CA ALA A 721 -13.38 20.74 15.91
C ALA A 721 -13.24 21.72 14.75
N HIS A 722 -12.90 22.97 15.08
CA HIS A 722 -12.63 24.02 14.09
C HIS A 722 -11.15 24.09 13.68
N ALA A 723 -10.40 23.00 13.84
CA ALA A 723 -9.01 22.97 13.42
C ALA A 723 -8.90 22.53 11.96
N ARG A 724 -9.09 23.47 11.05
CA ARG A 724 -9.03 23.19 9.62
C ARG A 724 -7.72 23.70 9.01
N ASP A 725 -7.34 23.06 7.89
CA ASP A 725 -6.21 23.46 7.05
C ASP A 725 -6.69 23.81 5.65
N PHE A 726 -6.20 24.91 5.12
CA PHE A 726 -6.59 25.36 3.78
C PHE A 726 -5.41 25.21 2.83
N HIS A 727 -5.69 24.62 1.68
CA HIS A 727 -4.68 24.29 0.68
C HIS A 727 -5.12 24.89 -0.66
N ILE A 728 -4.17 25.35 -1.46
CA ILE A 728 -4.47 25.82 -2.80
C ILE A 728 -4.70 24.63 -3.70
N ASN A 729 -5.89 24.59 -4.27
CA ASN A 729 -6.32 23.63 -5.29
C ASN A 729 -5.57 23.88 -6.62
N LEU A 730 -4.75 22.93 -7.05
CA LEU A 730 -4.00 23.09 -8.31
C LEU A 730 -4.86 23.13 -9.56
N PHE A 731 -6.05 22.52 -9.52
CA PHE A 731 -7.00 22.63 -10.63
C PHE A 731 -7.49 24.08 -10.85
N GLN A 732 -7.24 24.93 -9.86
CA GLN A 732 -7.65 26.32 -9.92
C GLN A 732 -6.55 27.29 -10.39
N VAL A 733 -5.33 26.78 -10.58
CA VAL A 733 -4.22 27.61 -11.08
C VAL A 733 -3.47 26.96 -12.27
N LEU A 734 -4.19 26.18 -13.07
CA LEU A 734 -3.57 25.45 -14.20
C LEU A 734 -2.99 26.32 -15.34
N PRO A 735 -3.66 27.44 -15.74
CA PRO A 735 -3.07 28.26 -16.81
C PRO A 735 -1.69 28.79 -16.44
N TRP A 736 -1.50 29.21 -15.19
CA TRP A 736 -0.18 29.63 -14.70
C TRP A 736 0.83 28.47 -14.69
N LEU A 737 0.45 27.33 -14.10
CA LEU A 737 1.32 26.13 -14.08
C LEU A 737 1.73 25.68 -15.47
N LYS A 738 0.75 25.58 -16.37
CA LYS A 738 0.99 25.09 -17.74
C LYS A 738 1.97 25.99 -18.47
N GLU A 739 1.85 27.30 -18.23
CA GLU A 739 2.73 28.27 -18.84
C GLU A 739 4.17 28.15 -18.33
N LYS A 740 4.33 28.11 -17.01
CA LYS A 740 5.66 28.17 -16.41
C LYS A 740 6.44 26.89 -16.67
N LEU A 741 5.70 25.78 -16.64
CA LEU A 741 6.26 24.45 -16.88
C LEU A 741 6.19 23.97 -18.32
N GLN A 742 5.97 24.89 -19.27
CA GLN A 742 5.77 24.52 -20.69
C GLN A 742 6.93 23.83 -21.40
N ASP A 743 8.15 24.02 -20.92
CA ASP A 743 9.32 23.37 -21.55
C ASP A 743 9.78 22.13 -20.76
N GLU A 744 8.99 21.74 -19.76
CA GLU A 744 9.39 20.64 -18.88
C GLU A 744 8.93 19.25 -19.35
N ASP A 745 8.28 19.20 -20.52
CA ASP A 745 7.82 17.94 -21.12
C ASP A 745 6.82 17.14 -20.27
N LEU A 746 5.90 17.84 -19.59
CA LEU A 746 4.91 17.19 -18.71
C LEU A 746 3.60 16.80 -19.40
N GLY A 747 3.38 17.34 -20.59
CA GLY A 747 2.20 17.03 -21.39
C GLY A 747 0.90 17.53 -20.82
N PHE A 748 0.86 18.80 -20.44
CA PHE A 748 -0.35 19.44 -19.94
C PHE A 748 -1.49 19.36 -20.96
N LEU A 749 -2.70 19.21 -20.45
CA LEU A 749 -3.87 19.10 -21.29
C LEU A 749 -4.45 20.50 -21.50
N ALA A 750 -5.76 20.61 -21.79
CA ALA A 750 -6.40 21.92 -21.90
C ALA A 750 -6.60 22.47 -20.49
N ALA A 751 -6.11 23.69 -20.27
CA ALA A 751 -6.10 24.30 -18.92
C ALA A 751 -7.14 25.43 -18.80
N ALA A 752 -7.95 25.57 -19.85
CA ALA A 752 -9.05 26.53 -19.90
C ALA A 752 -10.35 25.87 -20.44
#